data_4O4P
#
_entry.id   4O4P
#
_cell.length_a   59.420
_cell.length_b   132.880
_cell.length_c   147.490
_cell.angle_alpha   90.00
_cell.angle_beta   90.00
_cell.angle_gamma   90.00
#
_symmetry.space_group_name_H-M   'P 21 21 21'
#
loop_
_entity.id
_entity.type
_entity.pdbx_description
1 polymer 'Bifunctional P-450/NADPH-P450 reductase'
2 non-polymer 'PROTOPORPHYRIN IX CONTAINING FE'
3 non-polymer 6-methoxy-2-{[(4-methoxy-3,5-dimethylpyridin-2-yl)methyl]sulfanyl}-1H-benzimidazole
4 water water
#
_entity_poly.entity_id   1
_entity_poly.type   'polypeptide(L)'
_entity_poly.pdbx_seq_one_letter_code
;TIKEMPQPKTFGELKNLPLLNTDKPVQALMKIADELGEIFKFEAPGRVTRYLSSQRLIKEACDESRFDKNLSQALKFVRD
FFGDGLVTSWTHEKNWKKAHNILLPSFSQQAMKGYHAMMVDIAVQLVQKWERLNADEHIEVPEDMTRLTLDTIGLCGFNY
RFNSFYRDQPHPFITSMVRALDEAMNKLQRANPDDPAYDENKRQFQEDIKVMNDLVDKIIADRKASGEQSDDLLTHMLNG
KDPETGEPLDDENIRYQIITFLIAGHETTSGLLSFALYFLVKNPHVLQKAAEEAARVLVDPVPSYKQVKQLKYVGMVLNE
ALRLWPTAPAFSLYAKEDTVLGGEYPLEKGDELMVLIPQLHRDKTIWGDDVEEFRPERFENPSAIPQHAFKPFGNGQRAC
IGQQFALHEATLVLGMMLKHFDFEDHTNYELDIKETLTLKPEGFVVKAKSKKIPL
;
_entity_poly.pdbx_strand_id   A,B
#
loop_
_chem_comp.id
_chem_comp.type
_chem_comp.name
_chem_comp.formula
1C6 non-polymer 6-methoxy-2-{[(4-methoxy-3,5-dimethylpyridin-2-yl)methyl]sulfanyl}-1H-benzimidazole 'C17 H19 N3 O2 S'
HEM non-polymer 'PROTOPORPHYRIN IX CONTAINING FE' 'C34 H32 Fe N4 O4'
#
# COMPACT_ATOMS: atom_id res chain seq x y z
N LYS A 3 -12.12 10.04 31.56
CA LYS A 3 -11.89 11.51 31.72
C LYS A 3 -13.04 12.32 31.12
N GLU A 4 -13.29 13.49 31.72
CA GLU A 4 -14.29 14.44 31.19
C GLU A 4 -13.60 15.37 30.21
N MET A 5 -14.10 15.49 28.97
CA MET A 5 -13.30 16.21 28.00
C MET A 5 -13.51 17.70 28.12
N PRO A 6 -12.47 18.46 27.91
CA PRO A 6 -12.55 19.91 27.86
C PRO A 6 -13.42 20.42 26.72
N GLN A 7 -13.90 21.65 26.89
CA GLN A 7 -14.85 22.32 25.97
C GLN A 7 -14.62 23.82 26.02
N PRO A 8 -14.45 24.48 24.85
CA PRO A 8 -14.23 25.90 24.88
C PRO A 8 -15.47 26.67 25.34
N LYS A 9 -15.32 27.98 25.43
CA LYS A 9 -16.36 28.78 25.97
C LYS A 9 -17.69 28.66 25.23
N THR A 10 -18.76 28.74 25.99
CA THR A 10 -20.15 28.63 25.46
C THR A 10 -20.95 29.89 25.44
N PHE A 11 -22.03 29.87 24.65
CA PHE A 11 -22.85 31.02 24.38
C PHE A 11 -24.31 30.64 24.61
N GLY A 12 -24.61 30.10 25.75
CA GLY A 12 -26.02 29.74 26.07
C GLY A 12 -26.54 28.62 25.12
N GLU A 13 -27.72 28.83 24.56
CA GLU A 13 -28.34 27.83 23.65
C GLU A 13 -27.56 27.66 22.34
N LEU A 14 -26.81 28.70 21.96
CA LEU A 14 -25.88 28.63 20.82
C LEU A 14 -24.65 27.72 21.07
N LYS A 15 -24.45 27.21 22.30
CA LYS A 15 -23.28 26.43 22.67
C LYS A 15 -22.01 27.01 22.12
N ASN A 16 -21.18 26.29 21.30
CA ASN A 16 -19.93 26.83 20.82
C ASN A 16 -19.99 27.48 19.43
N LEU A 17 -21.17 27.50 18.86
CA LEU A 17 -21.27 27.93 17.46
C LEU A 17 -20.70 29.30 17.15
N PRO A 18 -20.88 30.30 18.06
CA PRO A 18 -20.32 31.61 17.75
C PRO A 18 -18.78 31.70 17.68
N LEU A 19 -18.10 30.67 18.16
CA LEU A 19 -16.65 30.60 18.02
C LEU A 19 -16.22 30.43 16.52
N LEU A 20 -17.16 29.99 15.70
CA LEU A 20 -16.89 29.87 14.24
C LEU A 20 -17.25 31.13 13.51
N ASN A 21 -17.66 32.17 14.25
CA ASN A 21 -17.88 33.49 13.59
C ASN A 21 -16.62 34.26 13.40
N THR A 22 -15.84 33.82 12.42
CA THR A 22 -14.54 34.37 12.11
C THR A 22 -14.27 34.00 10.66
N ASP A 23 -13.41 34.79 10.04
N ASP A 23 -13.46 34.76 9.94
CA ASP A 23 -12.92 34.53 8.69
CA ASP A 23 -13.03 34.31 8.59
C ASP A 23 -11.89 33.37 8.69
C ASP A 23 -11.81 33.38 8.66
N LYS A 24 -11.36 33.04 9.87
CA LYS A 24 -10.21 32.13 10.07
C LYS A 24 -10.56 31.07 11.11
N PRO A 25 -11.62 30.28 10.87
CA PRO A 25 -12.01 29.26 11.86
C PRO A 25 -11.00 28.12 12.19
N VAL A 26 -10.24 27.59 11.20
CA VAL A 26 -9.25 26.57 11.53
C VAL A 26 -8.19 27.14 12.45
N GLN A 27 -7.73 28.34 12.13
CA GLN A 27 -6.74 29.01 13.02
C GLN A 27 -7.26 29.28 14.42
N ALA A 28 -8.53 29.62 14.51
CA ALA A 28 -9.22 29.75 15.81
C ALA A 28 -9.28 28.44 16.60
N LEU A 29 -9.53 27.33 15.89
CA LEU A 29 -9.64 26.03 16.48
C LEU A 29 -8.25 25.58 16.96
N MET A 30 -7.20 25.92 16.23
CA MET A 30 -5.89 25.62 16.66
C MET A 30 -5.53 26.34 17.96
N LYS A 31 -5.93 27.61 18.08
CA LYS A 31 -5.70 28.35 19.33
C LYS A 31 -6.48 27.68 20.49
N ILE A 32 -7.72 27.23 20.24
CA ILE A 32 -8.43 26.43 21.21
C ILE A 32 -7.64 25.18 21.63
N ALA A 33 -7.12 24.44 20.68
CA ALA A 33 -6.40 23.22 20.94
C ALA A 33 -5.14 23.56 21.74
N ASP A 34 -4.48 24.65 21.40
CA ASP A 34 -3.37 25.18 22.25
C ASP A 34 -3.77 25.30 23.73
N GLU A 35 -4.96 25.85 24.01
CA GLU A 35 -5.44 26.10 25.37
C GLU A 35 -5.93 24.78 26.02
N LEU A 36 -6.68 23.95 25.28
CA LEU A 36 -7.32 22.75 25.83
C LEU A 36 -6.63 21.40 25.72
N GLY A 37 -5.76 21.24 24.72
CA GLY A 37 -4.96 20.06 24.57
C GLY A 37 -5.49 19.13 23.49
N GLU A 38 -5.14 17.87 23.64
CA GLU A 38 -5.34 16.90 22.54
C GLU A 38 -6.80 16.58 22.16
N ILE A 39 -7.79 16.88 22.99
CA ILE A 39 -9.15 16.66 22.64
C ILE A 39 -10.03 17.70 23.26
N PHE A 40 -10.98 18.19 22.49
CA PHE A 40 -12.08 19.01 23.05
C PHE A 40 -13.37 18.79 22.37
N LYS A 41 -14.43 18.91 23.15
CA LYS A 41 -15.79 18.89 22.66
C LYS A 41 -16.19 20.19 21.98
N PHE A 42 -16.92 20.08 20.89
CA PHE A 42 -17.52 21.26 20.24
C PHE A 42 -18.97 21.03 19.94
N GLU A 43 -19.83 21.85 20.55
CA GLU A 43 -21.25 21.63 20.47
C GLU A 43 -21.85 22.77 19.68
N ALA A 44 -22.91 22.46 18.94
CA ALA A 44 -23.75 23.47 18.33
C ALA A 44 -25.23 23.04 18.46
N PRO A 45 -26.18 23.93 18.16
CA PRO A 45 -27.57 23.43 18.33
C PRO A 45 -27.80 22.17 17.48
N GLY A 46 -28.23 21.11 18.13
CA GLY A 46 -28.48 19.87 17.41
C GLY A 46 -27.31 18.98 17.00
N ARG A 47 -26.04 19.33 17.34
CA ARG A 47 -24.86 18.50 16.93
C ARG A 47 -23.68 18.63 17.92
N VAL A 48 -22.83 17.62 17.90
CA VAL A 48 -21.64 17.58 18.68
C VAL A 48 -20.57 16.91 17.84
N THR A 49 -19.35 17.40 18.00
CA THR A 49 -18.17 16.71 17.48
C THR A 49 -17.02 16.90 18.47
N ARG A 50 -15.93 16.13 18.30
CA ARG A 50 -14.80 16.17 19.16
C ARG A 50 -13.58 16.40 18.32
N TYR A 51 -12.86 17.48 18.63
CA TYR A 51 -11.63 17.85 17.96
C TYR A 51 -10.43 17.16 18.54
N LEU A 52 -9.73 16.35 17.71
CA LEU A 52 -8.51 15.65 18.09
C LEU A 52 -7.25 16.28 17.49
N SER A 53 -6.21 16.38 18.31
CA SER A 53 -4.98 17.07 17.93
C SER A 53 -3.72 16.31 18.19
N SER A 54 -3.78 15.24 18.94
CA SER A 54 -2.62 14.40 19.20
C SER A 54 -2.50 13.16 18.33
N GLN A 55 -1.28 12.80 18.03
CA GLN A 55 -0.97 11.53 17.33
C GLN A 55 -1.43 10.35 18.15
N ARG A 56 -1.29 10.47 19.47
CA ARG A 56 -1.76 9.45 20.40
C ARG A 56 -3.21 9.04 20.14
N LEU A 57 -4.12 10.01 20.04
CA LEU A 57 -5.53 9.75 19.74
C LEU A 57 -5.84 9.54 18.26
N ILE A 58 -5.14 10.26 17.38
CA ILE A 58 -5.46 10.24 15.98
C ILE A 58 -5.10 8.84 15.39
N LYS A 59 -4.04 8.25 15.92
CA LYS A 59 -3.64 6.89 15.48
C LYS A 59 -4.81 5.92 15.76
N GLU A 60 -5.56 6.12 16.83
CA GLU A 60 -6.72 5.27 17.05
C GLU A 60 -7.86 5.60 16.13
N ALA A 61 -8.09 6.88 15.88
CA ALA A 61 -9.14 7.31 15.00
C ALA A 61 -8.96 6.78 13.61
N CYS A 62 -7.72 6.52 13.20
CA CYS A 62 -7.40 6.03 11.84
C CYS A 62 -7.52 4.51 11.70
N ASP A 63 -8.00 3.86 12.74
CA ASP A 63 -8.35 2.42 12.67
C ASP A 63 -9.72 2.19 12.04
N GLU A 64 -9.71 1.72 10.80
CA GLU A 64 -10.90 1.62 9.95
C GLU A 64 -11.83 0.56 10.40
N SER A 65 -11.32 -0.32 11.27
CA SER A 65 -12.20 -1.28 11.94
C SER A 65 -13.13 -0.61 12.97
N ARG A 66 -12.71 0.54 13.51
CA ARG A 66 -13.44 1.25 14.53
C ARG A 66 -14.15 2.53 14.07
N PHE A 67 -13.62 3.21 13.06
CA PHE A 67 -14.07 4.53 12.61
C PHE A 67 -14.09 4.55 11.12
N ASP A 68 -15.14 5.11 10.55
CA ASP A 68 -15.33 5.28 9.09
C ASP A 68 -15.35 6.81 8.82
N LYS A 69 -15.07 7.23 7.56
CA LYS A 69 -15.23 8.61 7.14
C LYS A 69 -16.63 9.19 7.44
N ASN A 70 -16.64 10.37 8.09
CA ASN A 70 -17.84 11.10 8.30
C ASN A 70 -17.87 12.32 7.39
N LEU A 71 -19.06 12.74 7.03
CA LEU A 71 -19.19 14.04 6.44
C LEU A 71 -19.29 15.04 7.53
N SER A 72 -18.25 15.84 7.67
CA SER A 72 -18.35 17.03 8.53
C SER A 72 -19.45 17.96 8.11
N GLN A 73 -19.80 18.90 8.98
N GLN A 73 -19.80 18.89 8.99
CA GLN A 73 -20.74 19.94 8.55
CA GLN A 73 -20.77 19.91 8.57
C GLN A 73 -20.27 20.66 7.27
C GLN A 73 -20.28 20.68 7.30
N ALA A 74 -18.99 20.97 7.21
CA ALA A 74 -18.41 21.61 6.06
C ALA A 74 -18.63 20.74 4.78
N LEU A 75 -18.36 19.45 4.89
CA LEU A 75 -18.58 18.58 3.74
C LEU A 75 -20.05 18.46 3.37
N LYS A 76 -20.93 18.45 4.38
CA LYS A 76 -22.33 18.46 4.06
C LYS A 76 -22.77 19.67 3.25
N PHE A 77 -22.26 20.82 3.60
CA PHE A 77 -22.55 22.05 2.84
C PHE A 77 -21.93 22.03 1.39
N VAL A 78 -20.69 21.52 1.26
CA VAL A 78 -20.07 21.32 -0.04
C VAL A 78 -20.82 20.32 -0.90
N ARG A 79 -21.47 19.34 -0.26
CA ARG A 79 -22.20 18.32 -1.01
C ARG A 79 -23.33 18.97 -1.88
N ASP A 80 -23.77 20.12 -1.47
CA ASP A 80 -24.73 20.86 -2.26
C ASP A 80 -24.21 21.07 -3.68
N PHE A 81 -22.89 21.12 -3.93
CA PHE A 81 -22.45 21.14 -5.30
C PHE A 81 -21.58 19.99 -5.71
N PHE A 82 -21.01 19.27 -4.74
CA PHE A 82 -20.18 18.09 -5.02
C PHE A 82 -21.06 16.83 -5.06
N GLY A 83 -22.30 16.90 -4.58
CA GLY A 83 -23.16 15.72 -4.68
C GLY A 83 -22.66 14.47 -3.98
N ASP A 84 -22.85 13.32 -4.64
CA ASP A 84 -22.29 12.07 -4.24
C ASP A 84 -21.09 11.75 -5.08
N GLY A 85 -20.30 12.76 -5.48
CA GLY A 85 -19.00 12.42 -5.97
C GLY A 85 -18.07 11.88 -4.91
N LEU A 86 -16.82 11.58 -5.28
CA LEU A 86 -15.94 10.82 -4.39
C LEU A 86 -15.64 11.49 -3.05
N VAL A 87 -15.63 12.83 -3.03
CA VAL A 87 -15.26 13.58 -1.77
C VAL A 87 -16.34 13.56 -0.76
N THR A 88 -17.56 13.68 -1.25
CA THR A 88 -18.68 13.91 -0.43
C THR A 88 -19.67 12.76 -0.30
N SER A 89 -19.31 11.59 -0.76
CA SER A 89 -20.16 10.42 -0.59
C SER A 89 -19.75 9.68 0.68
N TRP A 90 -20.69 9.03 1.33
CA TRP A 90 -20.43 8.13 2.43
C TRP A 90 -19.85 6.85 1.89
N THR A 91 -18.99 6.20 2.67
CA THR A 91 -18.34 4.97 2.25
C THR A 91 -19.37 3.90 1.89
N HIS A 92 -20.51 3.94 2.56
CA HIS A 92 -21.57 2.93 2.34
C HIS A 92 -22.57 3.26 1.19
N GLU A 93 -22.50 4.43 0.57
CA GLU A 93 -23.31 4.72 -0.65
C GLU A 93 -22.70 3.99 -1.82
N LYS A 94 -23.57 3.39 -2.63
CA LYS A 94 -23.14 2.60 -3.74
C LYS A 94 -22.17 3.39 -4.67
N ASN A 95 -22.46 4.65 -4.89
CA ASN A 95 -21.62 5.40 -5.81
C ASN A 95 -20.22 5.71 -5.28
N TRP A 96 -19.97 5.54 -3.97
CA TRP A 96 -18.55 5.66 -3.53
C TRP A 96 -17.63 4.59 -4.11
N LYS A 97 -17.87 3.33 -3.73
CA LYS A 97 -16.97 2.31 -4.21
C LYS A 97 -17.08 2.21 -5.78
N LYS A 98 -18.23 2.36 -6.34
CA LYS A 98 -18.44 2.21 -7.81
C LYS A 98 -17.56 3.24 -8.56
N ALA A 99 -17.66 4.51 -8.16
CA ALA A 99 -16.78 5.55 -8.78
C ALA A 99 -15.37 5.35 -8.48
N HIS A 100 -15.02 4.92 -7.25
CA HIS A 100 -13.70 4.67 -6.91
C HIS A 100 -13.07 3.62 -7.84
N ASN A 101 -13.79 2.51 -8.03
CA ASN A 101 -13.28 1.45 -8.87
C ASN A 101 -13.13 1.94 -10.31
N ILE A 102 -14.09 2.72 -10.81
CA ILE A 102 -14.10 3.19 -12.20
C ILE A 102 -13.02 4.25 -12.44
N LEU A 103 -12.78 5.12 -11.45
CA LEU A 103 -11.80 6.23 -11.63
C LEU A 103 -10.43 5.95 -11.14
N LEU A 104 -10.20 4.93 -10.34
CA LEU A 104 -8.85 4.68 -9.84
C LEU A 104 -7.79 4.43 -10.91
N PRO A 105 -8.16 3.76 -12.07
CA PRO A 105 -7.19 3.53 -13.20
C PRO A 105 -6.61 4.84 -13.78
N SER A 106 -7.34 5.92 -13.65
CA SER A 106 -6.85 7.24 -14.03
C SER A 106 -5.71 7.75 -13.16
N PHE A 107 -5.34 7.05 -12.11
CA PHE A 107 -4.16 7.40 -11.25
C PHE A 107 -3.14 6.30 -11.13
N SER A 108 -3.22 5.32 -12.04
CA SER A 108 -2.14 4.33 -12.18
C SER A 108 -0.86 5.03 -12.60
N GLN A 109 0.25 4.37 -12.33
CA GLN A 109 1.52 4.89 -12.82
C GLN A 109 1.53 5.08 -14.34
N GLN A 110 0.88 4.18 -15.07
CA GLN A 110 0.76 4.29 -16.54
C GLN A 110 0.07 5.62 -16.93
N ALA A 111 -0.99 5.94 -16.21
CA ALA A 111 -1.76 7.15 -16.49
C ALA A 111 -0.90 8.40 -16.19
N MET A 112 -0.10 8.27 -15.14
CA MET A 112 0.77 9.36 -14.64
C MET A 112 1.86 9.65 -15.62
N LYS A 113 2.46 8.58 -16.17
CA LYS A 113 3.47 8.76 -17.23
C LYS A 113 2.89 9.47 -18.38
N GLY A 114 1.64 9.15 -18.73
CA GLY A 114 0.92 9.81 -19.80
C GLY A 114 0.51 11.24 -19.54
N TYR A 115 0.34 11.62 -18.27
CA TYR A 115 -0.04 12.99 -17.89
C TYR A 115 1.19 13.87 -17.91
N HIS A 116 2.36 13.29 -17.73
CA HIS A 116 3.57 14.10 -17.57
C HIS A 116 3.75 15.20 -18.64
N ALA A 117 3.61 14.88 -19.94
CA ALA A 117 3.82 15.87 -21.04
C ALA A 117 2.90 17.04 -20.94
N MET A 118 1.65 16.78 -20.56
CA MET A 118 0.66 17.85 -20.48
C MET A 118 0.91 18.73 -19.19
N MET A 119 1.33 18.13 -18.09
CA MET A 119 1.84 18.92 -16.96
C MET A 119 2.98 19.86 -17.33
N VAL A 120 3.92 19.37 -18.12
CA VAL A 120 5.06 20.21 -18.62
C VAL A 120 4.54 21.35 -19.48
N ASP A 121 3.53 21.12 -20.32
CA ASP A 121 2.97 22.14 -21.19
C ASP A 121 2.51 23.32 -20.28
N ILE A 122 1.82 23.02 -19.17
CA ILE A 122 1.34 24.13 -18.30
C ILE A 122 2.56 24.80 -17.56
N ALA A 123 3.46 23.97 -17.06
CA ALA A 123 4.58 24.46 -16.33
C ALA A 123 5.45 25.42 -17.13
N VAL A 124 5.67 25.08 -18.39
CA VAL A 124 6.41 25.94 -19.30
C VAL A 124 5.71 27.25 -19.46
N GLN A 125 4.38 27.25 -19.56
CA GLN A 125 3.62 28.48 -19.59
C GLN A 125 3.86 29.37 -18.37
N LEU A 126 3.91 28.75 -17.19
CA LEU A 126 4.21 29.52 -15.95
C LEU A 126 5.63 30.16 -16.07
N VAL A 127 6.63 29.36 -16.38
CA VAL A 127 7.98 29.84 -16.50
C VAL A 127 8.12 30.98 -17.53
N GLN A 128 7.54 30.82 -18.70
CA GLN A 128 7.56 31.86 -19.77
C GLN A 128 6.87 33.11 -19.27
N LYS A 129 5.79 32.99 -18.51
CA LYS A 129 5.15 34.20 -17.97
C LYS A 129 6.15 34.97 -17.16
N TRP A 130 6.87 34.26 -16.29
CA TRP A 130 7.76 34.91 -15.34
C TRP A 130 9.04 35.43 -16.03
N GLU A 131 9.50 34.71 -17.05
CA GLU A 131 10.66 35.12 -17.89
C GLU A 131 10.32 36.42 -18.60
N ARG A 132 9.02 36.65 -18.85
CA ARG A 132 8.56 37.81 -19.63
C ARG A 132 8.21 39.09 -18.86
N LEU A 133 8.24 39.04 -17.56
CA LEU A 133 7.94 40.22 -16.76
C LEU A 133 9.05 41.24 -16.89
N ASN A 134 8.69 42.51 -16.86
CA ASN A 134 9.72 43.56 -16.83
C ASN A 134 10.35 43.61 -15.39
N ALA A 135 11.52 44.22 -15.29
CA ALA A 135 12.32 44.14 -14.05
C ALA A 135 11.56 44.83 -12.87
N ASP A 136 10.76 45.86 -13.15
CA ASP A 136 10.01 46.41 -12.05
C ASP A 136 8.85 45.51 -11.50
N GLU A 137 8.54 44.40 -12.17
CA GLU A 137 7.21 43.79 -11.87
C GLU A 137 7.40 42.74 -10.76
N HIS A 138 6.32 42.27 -10.22
CA HIS A 138 6.39 41.18 -9.26
C HIS A 138 5.34 40.11 -9.61
N ILE A 139 5.38 39.04 -8.84
CA ILE A 139 4.50 37.84 -9.02
C ILE A 139 3.54 37.72 -7.86
N GLU A 140 2.24 37.54 -8.19
CA GLU A 140 1.23 37.22 -7.21
C GLU A 140 1.20 35.69 -7.12
N VAL A 141 1.76 35.13 -6.04
CA VAL A 141 2.07 33.73 -5.99
C VAL A 141 0.79 32.80 -6.01
N PRO A 142 -0.16 32.95 -5.05
CA PRO A 142 -1.31 32.03 -5.08
C PRO A 142 -2.16 32.19 -6.37
N GLU A 143 -2.19 33.42 -6.96
CA GLU A 143 -2.91 33.70 -8.20
C GLU A 143 -2.32 32.93 -9.37
N ASP A 144 -1.02 32.97 -9.47
CA ASP A 144 -0.33 32.18 -10.54
C ASP A 144 -0.32 30.73 -10.27
N MET A 145 -0.23 30.33 -9.01
CA MET A 145 -0.27 28.87 -8.77
C MET A 145 -1.68 28.31 -9.06
N THR A 146 -2.71 29.11 -8.89
CA THR A 146 -4.05 28.68 -9.28
C THR A 146 -4.20 28.61 -10.81
N ARG A 147 -3.60 29.56 -11.54
CA ARG A 147 -3.58 29.45 -13.02
C ARG A 147 -2.92 28.14 -13.44
N LEU A 148 -1.81 27.80 -12.84
CA LEU A 148 -1.13 26.58 -13.18
C LEU A 148 -1.93 25.33 -12.87
N THR A 149 -2.45 25.24 -11.62
CA THR A 149 -3.00 24.03 -11.18
C THR A 149 -4.35 23.78 -11.82
N LEU A 150 -5.17 24.81 -11.97
CA LEU A 150 -6.45 24.65 -12.72
C LEU A 150 -6.23 24.19 -14.12
N ASP A 151 -5.29 24.83 -14.82
CA ASP A 151 -5.01 24.42 -16.17
C ASP A 151 -4.51 23.02 -16.26
N THR A 152 -3.73 22.55 -15.29
CA THR A 152 -3.20 21.21 -15.33
C THR A 152 -4.30 20.14 -15.20
N ILE A 153 -5.24 20.31 -14.26
CA ILE A 153 -6.31 19.34 -14.12
C ILE A 153 -7.23 19.44 -15.33
N GLY A 154 -7.53 20.66 -15.83
CA GLY A 154 -8.37 20.81 -16.99
C GLY A 154 -7.80 20.01 -18.16
N LEU A 155 -6.51 20.18 -18.42
CA LEU A 155 -5.84 19.50 -19.56
C LEU A 155 -5.65 17.99 -19.41
N CYS A 156 -5.01 17.59 -18.31
CA CYS A 156 -4.79 16.22 -17.98
C CYS A 156 -6.07 15.43 -17.73
N GLY A 157 -6.96 16.02 -16.97
CA GLY A 157 -8.25 15.38 -16.64
C GLY A 157 -9.28 15.29 -17.77
N PHE A 158 -9.37 16.35 -18.59
CA PHE A 158 -10.56 16.61 -19.39
C PHE A 158 -10.22 17.06 -20.83
N ASN A 159 -8.94 17.13 -21.13
CA ASN A 159 -8.40 17.66 -22.38
C ASN A 159 -9.02 18.98 -22.74
N TYR A 160 -9.13 19.86 -21.74
CA TYR A 160 -9.80 21.11 -21.91
C TYR A 160 -8.89 22.25 -21.48
N ARG A 161 -8.79 23.32 -22.26
CA ARG A 161 -7.81 24.38 -21.99
C ARG A 161 -8.56 25.54 -21.34
N PHE A 162 -8.36 25.81 -20.04
CA PHE A 162 -8.91 26.98 -19.43
C PHE A 162 -8.11 28.25 -19.90
N ASN A 163 -6.87 28.10 -20.34
CA ASN A 163 -6.09 29.23 -20.80
C ASN A 163 -5.98 30.34 -19.74
N SER A 164 -5.70 29.91 -18.51
CA SER A 164 -5.64 30.89 -17.42
C SER A 164 -4.51 31.89 -17.60
N PHE A 165 -3.41 31.52 -18.24
CA PHE A 165 -2.29 32.45 -18.46
C PHE A 165 -2.58 33.50 -19.53
N TYR A 166 -3.71 33.40 -20.20
CA TYR A 166 -4.11 34.35 -21.21
C TYR A 166 -5.10 35.31 -20.59
N ARG A 167 -5.21 35.27 -19.26
CA ARG A 167 -6.20 36.08 -18.54
C ARG A 167 -5.53 36.86 -17.42
N ASP A 168 -5.93 38.10 -17.27
N ASP A 168 -6.01 38.11 -17.38
CA ASP A 168 -5.37 38.98 -16.28
CA ASP A 168 -5.70 39.22 -16.50
C ASP A 168 -6.18 38.89 -14.98
C ASP A 168 -6.17 38.85 -15.11
N GLN A 169 -7.46 38.53 -15.08
CA GLN A 169 -8.23 38.27 -13.87
C GLN A 169 -8.37 36.78 -13.72
N PRO A 170 -8.64 36.34 -12.46
CA PRO A 170 -8.90 34.95 -12.30
C PRO A 170 -10.00 34.47 -13.21
N HIS A 171 -9.89 33.23 -13.57
CA HIS A 171 -10.87 32.64 -14.41
C HIS A 171 -12.27 32.68 -13.70
N PRO A 172 -13.35 32.92 -14.46
CA PRO A 172 -14.66 32.96 -13.83
C PRO A 172 -15.02 31.75 -12.99
N PHE A 173 -14.59 30.56 -13.41
CA PHE A 173 -14.82 29.35 -12.66
C PHE A 173 -14.21 29.51 -11.26
N ILE A 174 -13.00 30.03 -11.18
CA ILE A 174 -12.33 30.31 -9.93
C ILE A 174 -13.10 31.24 -9.05
N THR A 175 -13.52 32.35 -9.60
CA THR A 175 -14.24 33.32 -8.83
C THR A 175 -15.52 32.76 -8.15
N SER A 176 -16.27 31.96 -8.90
CA SER A 176 -17.43 31.28 -8.37
C SER A 176 -17.06 30.16 -7.37
N MET A 177 -16.01 29.39 -7.68
CA MET A 177 -15.51 28.41 -6.75
C MET A 177 -15.22 29.01 -5.39
N VAL A 178 -14.44 30.09 -5.39
CA VAL A 178 -14.02 30.75 -4.16
C VAL A 178 -15.24 31.20 -3.41
N ARG A 179 -16.20 31.79 -4.13
CA ARG A 179 -17.36 32.32 -3.43
C ARG A 179 -18.27 31.23 -2.88
N ALA A 180 -18.35 30.11 -3.58
CA ALA A 180 -19.09 28.89 -3.08
C ALA A 180 -18.45 28.30 -1.84
N LEU A 181 -17.11 28.14 -1.87
CA LEU A 181 -16.35 27.63 -0.67
C LEU A 181 -16.51 28.61 0.53
N ASP A 182 -16.47 29.90 0.23
N ASP A 182 -16.52 29.89 0.26
CA ASP A 182 -16.60 30.97 1.23
CA ASP A 182 -16.54 30.82 1.36
C ASP A 182 -17.95 30.86 1.93
C ASP A 182 -17.97 30.90 1.96
N GLU A 183 -18.98 30.72 1.12
CA GLU A 183 -20.37 30.60 1.60
C GLU A 183 -20.51 29.32 2.46
N ALA A 184 -20.02 28.18 1.98
CA ALA A 184 -20.04 26.97 2.79
C ALA A 184 -19.35 27.20 4.16
N MET A 185 -18.16 27.81 4.16
CA MET A 185 -17.46 28.10 5.36
C MET A 185 -18.28 28.99 6.30
N ASN A 186 -18.93 30.00 5.74
CA ASN A 186 -19.65 31.01 6.49
C ASN A 186 -20.91 30.42 7.05
N LYS A 187 -21.51 29.46 6.35
CA LYS A 187 -22.66 28.77 6.86
C LYS A 187 -22.38 27.98 8.13
N LEU A 188 -21.14 27.59 8.39
CA LEU A 188 -20.82 26.81 9.61
C LEU A 188 -21.26 27.55 10.93
N GLN A 189 -21.29 28.88 10.91
CA GLN A 189 -21.64 29.69 12.09
C GLN A 189 -23.14 30.08 12.22
N ARG A 190 -23.94 29.81 11.19
CA ARG A 190 -25.33 30.30 11.08
C ARG A 190 -26.31 29.51 11.91
N ALA A 191 -26.88 30.12 12.93
CA ALA A 191 -27.81 29.38 13.81
C ALA A 191 -29.15 29.21 13.07
N ASN A 192 -29.51 30.25 12.30
CA ASN A 192 -30.81 30.35 11.64
C ASN A 192 -30.68 30.41 10.12
N PRO A 193 -30.22 29.31 9.52
CA PRO A 193 -29.86 29.34 8.09
C PRO A 193 -31.02 29.75 7.20
N ASP A 194 -32.26 29.63 7.69
CA ASP A 194 -33.42 30.04 6.87
C ASP A 194 -34.00 31.43 7.16
N ASP A 195 -33.44 32.16 8.13
CA ASP A 195 -33.69 33.58 8.22
C ASP A 195 -33.62 34.26 6.83
N PRO A 196 -34.63 35.11 6.49
CA PRO A 196 -34.57 35.83 5.21
C PRO A 196 -33.33 36.73 5.03
N ALA A 197 -32.64 37.09 6.10
CA ALA A 197 -31.38 37.82 5.92
C ALA A 197 -30.33 37.05 5.09
N TYR A 198 -30.52 35.72 4.89
CA TYR A 198 -29.58 34.87 4.11
C TYR A 198 -30.10 34.58 2.71
N ASP A 199 -31.17 35.25 2.29
CA ASP A 199 -31.75 34.98 0.99
C ASP A 199 -30.81 35.35 -0.16
N GLU A 200 -30.12 36.48 -0.03
CA GLU A 200 -29.15 36.88 -1.05
C GLU A 200 -27.93 35.87 -1.14
N ASN A 201 -27.40 35.46 0.01
CA ASN A 201 -26.34 34.40 0.12
C ASN A 201 -26.77 33.17 -0.64
N LYS A 202 -28.02 32.76 -0.45
CA LYS A 202 -28.58 31.63 -1.12
C LYS A 202 -28.69 31.79 -2.66
N ARG A 203 -29.16 32.94 -3.08
CA ARG A 203 -29.22 33.25 -4.53
C ARG A 203 -27.82 33.30 -5.14
N GLN A 204 -26.92 33.99 -4.45
CA GLN A 204 -25.51 34.01 -4.88
C GLN A 204 -24.88 32.60 -4.99
N PHE A 205 -25.18 31.75 -4.02
CA PHE A 205 -24.68 30.37 -4.00
C PHE A 205 -25.16 29.60 -5.21
N GLN A 206 -26.48 29.65 -5.47
CA GLN A 206 -27.07 29.02 -6.68
C GLN A 206 -26.49 29.58 -7.99
N GLU A 207 -26.20 30.86 -8.05
CA GLU A 207 -25.56 31.46 -9.22
C GLU A 207 -24.13 30.91 -9.43
N ASP A 208 -23.37 30.81 -8.36
CA ASP A 208 -22.01 30.25 -8.40
C ASP A 208 -22.02 28.77 -8.80
N ILE A 209 -22.95 28.00 -8.26
CA ILE A 209 -23.09 26.60 -8.63
C ILE A 209 -23.48 26.45 -10.13
N LYS A 210 -24.29 27.38 -10.61
CA LYS A 210 -24.62 27.38 -12.06
C LYS A 210 -23.40 27.69 -12.94
N VAL A 211 -22.59 28.69 -12.57
CA VAL A 211 -21.36 28.99 -13.32
C VAL A 211 -20.50 27.71 -13.40
N MET A 212 -20.37 26.99 -12.27
CA MET A 212 -19.60 25.79 -12.29
C MET A 212 -20.22 24.74 -13.14
N ASN A 213 -21.53 24.54 -13.05
CA ASN A 213 -22.15 23.49 -13.88
C ASN A 213 -22.20 23.81 -15.40
N ASP A 214 -22.33 25.08 -15.73
CA ASP A 214 -22.20 25.56 -17.15
C ASP A 214 -20.83 25.20 -17.75
N LEU A 215 -19.76 25.33 -16.97
CA LEU A 215 -18.47 24.86 -17.46
C LEU A 215 -18.37 23.29 -17.61
N VAL A 216 -18.92 22.56 -16.64
CA VAL A 216 -19.03 21.11 -16.77
C VAL A 216 -19.73 20.74 -18.09
N ASP A 217 -20.81 21.42 -18.39
CA ASP A 217 -21.57 21.20 -19.62
C ASP A 217 -20.73 21.46 -20.89
N LYS A 218 -19.95 22.55 -20.89
CA LYS A 218 -19.00 22.85 -21.99
C LYS A 218 -17.98 21.70 -22.15
N ILE A 219 -17.45 21.19 -21.02
CA ILE A 219 -16.43 20.14 -21.07
C ILE A 219 -17.03 18.85 -21.67
N ILE A 220 -18.21 18.52 -21.18
CA ILE A 220 -18.95 17.34 -21.64
C ILE A 220 -19.29 17.51 -23.15
N ALA A 221 -19.82 18.67 -23.53
CA ALA A 221 -20.09 18.95 -24.98
C ALA A 221 -18.83 18.95 -25.88
N ASP A 222 -17.71 19.49 -25.39
CA ASP A 222 -16.39 19.44 -26.08
C ASP A 222 -16.01 17.97 -26.31
N ARG A 223 -16.19 17.09 -25.32
CA ARG A 223 -15.77 15.69 -25.50
C ARG A 223 -16.68 14.92 -26.49
N LYS A 224 -17.98 15.16 -26.41
CA LYS A 224 -18.99 14.58 -27.33
C LYS A 224 -18.69 15.02 -28.78
N ALA A 225 -18.32 16.27 -28.99
CA ALA A 225 -17.95 16.76 -30.33
C ALA A 225 -16.58 16.23 -30.84
N SER A 226 -15.64 15.90 -29.94
CA SER A 226 -14.24 15.62 -30.30
C SER A 226 -14.06 14.52 -31.38
N SER A 230 -8.80 10.42 -26.89
CA SER A 230 -8.32 10.74 -25.52
C SER A 230 -8.38 9.47 -24.63
N ASP A 231 -7.45 9.34 -23.68
CA ASP A 231 -7.60 8.31 -22.63
C ASP A 231 -7.36 8.91 -21.21
N ASP A 232 -8.38 9.55 -20.66
CA ASP A 232 -8.18 10.36 -19.47
C ASP A 232 -9.28 10.14 -18.43
N LEU A 233 -9.24 10.95 -17.37
CA LEU A 233 -10.26 10.84 -16.37
C LEU A 233 -11.66 10.93 -16.94
N LEU A 234 -11.95 11.88 -17.86
CA LEU A 234 -13.26 12.02 -18.39
C LEU A 234 -13.66 10.74 -19.23
N THR A 235 -12.68 10.12 -19.89
CA THR A 235 -12.94 8.88 -20.69
C THR A 235 -13.49 7.81 -19.72
N HIS A 236 -12.84 7.66 -18.57
CA HIS A 236 -13.27 6.63 -17.58
C HIS A 236 -14.65 7.00 -17.01
N MET A 237 -14.84 8.24 -16.66
CA MET A 237 -16.16 8.67 -16.22
C MET A 237 -17.27 8.29 -17.23
N LEU A 238 -16.99 8.50 -18.52
CA LEU A 238 -18.04 8.34 -19.52
C LEU A 238 -18.21 6.89 -19.94
N ASN A 239 -17.13 6.14 -20.00
CA ASN A 239 -17.18 4.83 -20.61
C ASN A 239 -16.85 3.70 -19.65
N GLY A 240 -16.36 4.02 -18.44
CA GLY A 240 -15.72 3.02 -17.60
C GLY A 240 -16.81 2.22 -16.90
N LYS A 241 -16.51 0.95 -16.63
CA LYS A 241 -17.47 0.05 -16.01
C LYS A 241 -16.89 -0.50 -14.71
N ASP A 242 -17.69 -0.49 -13.67
CA ASP A 242 -17.18 -0.94 -12.35
C ASP A 242 -17.01 -2.46 -12.41
N PRO A 243 -15.82 -3.01 -12.18
CA PRO A 243 -15.79 -4.48 -12.32
C PRO A 243 -16.77 -5.24 -11.36
N GLU A 244 -16.93 -4.79 -10.13
CA GLU A 244 -17.84 -5.44 -9.18
C GLU A 244 -19.32 -5.60 -9.64
N THR A 245 -19.95 -4.47 -9.90
CA THR A 245 -21.33 -4.41 -10.38
C THR A 245 -21.42 -4.47 -11.92
N GLY A 246 -20.31 -4.28 -12.65
CA GLY A 246 -20.39 -4.07 -14.13
C GLY A 246 -21.10 -2.84 -14.75
N GLU A 247 -21.66 -1.93 -13.92
CA GLU A 247 -22.36 -0.75 -14.40
C GLU A 247 -21.42 0.44 -14.63
N PRO A 248 -21.83 1.40 -15.49
CA PRO A 248 -21.05 2.66 -15.59
C PRO A 248 -21.70 3.71 -14.72
N LEU A 249 -21.07 4.88 -14.55
CA LEU A 249 -21.67 5.95 -13.79
C LEU A 249 -22.83 6.53 -14.52
N ASP A 250 -23.85 6.96 -13.83
CA ASP A 250 -24.91 7.65 -14.56
C ASP A 250 -24.49 9.11 -14.78
N ASP A 251 -25.34 9.85 -15.53
CA ASP A 251 -25.05 11.22 -15.93
C ASP A 251 -25.02 12.17 -14.72
N GLU A 252 -25.93 12.00 -13.75
CA GLU A 252 -25.96 12.84 -12.63
C GLU A 252 -24.64 12.75 -11.83
N ASN A 253 -24.20 11.54 -11.59
CA ASN A 253 -22.94 11.34 -10.83
C ASN A 253 -21.71 11.82 -11.61
N ILE A 254 -21.66 11.50 -12.91
CA ILE A 254 -20.63 12.09 -13.74
C ILE A 254 -20.45 13.57 -13.54
N ARG A 255 -21.53 14.34 -13.59
CA ARG A 255 -21.46 15.79 -13.43
C ARG A 255 -20.86 16.18 -12.07
N TYR A 256 -21.28 15.51 -11.02
CA TYR A 256 -20.69 15.71 -9.67
C TYR A 256 -19.22 15.35 -9.64
N GLN A 257 -18.82 14.33 -10.35
CA GLN A 257 -17.46 13.98 -10.32
C GLN A 257 -16.58 15.01 -11.08
N ILE A 258 -17.08 15.54 -12.19
CA ILE A 258 -16.33 16.55 -12.92
C ILE A 258 -16.07 17.80 -12.01
N ILE A 259 -17.10 18.28 -11.35
N ILE A 259 -17.11 18.28 -11.36
CA ILE A 259 -16.93 19.44 -10.50
CA ILE A 259 -16.98 19.41 -10.45
C ILE A 259 -16.02 19.14 -9.31
C ILE A 259 -16.01 19.12 -9.32
N THR A 260 -16.13 17.91 -8.77
CA THR A 260 -15.29 17.44 -7.68
C THR A 260 -13.87 17.47 -8.08
N PHE A 261 -13.55 16.91 -9.21
CA PHE A 261 -12.20 16.80 -9.61
C PHE A 261 -11.61 18.18 -10.07
N LEU A 262 -12.38 19.00 -10.75
CA LEU A 262 -11.90 20.36 -11.14
C LEU A 262 -11.45 21.18 -9.88
N ILE A 263 -12.17 21.02 -8.77
CA ILE A 263 -11.91 21.78 -7.51
C ILE A 263 -10.86 21.06 -6.66
N ALA A 264 -11.14 19.81 -6.27
CA ALA A 264 -10.29 19.08 -5.37
C ALA A 264 -8.98 18.79 -6.13
N GLY A 265 -9.03 18.75 -7.47
CA GLY A 265 -7.77 18.44 -8.19
C GLY A 265 -6.89 19.65 -8.55
N HIS A 266 -7.22 20.85 -7.98
CA HIS A 266 -6.28 21.96 -8.12
C HIS A 266 -6.16 22.85 -6.93
N GLU A 267 -7.24 23.10 -6.18
CA GLU A 267 -7.21 24.20 -5.15
C GLU A 267 -6.13 23.97 -4.11
N THR A 268 -6.06 22.73 -3.58
CA THR A 268 -5.15 22.42 -2.52
C THR A 268 -3.72 22.31 -3.03
N THR A 269 -3.54 22.02 -4.32
CA THR A 269 -2.18 21.95 -4.88
C THR A 269 -1.67 23.38 -5.10
N SER A 270 -2.54 24.31 -5.48
CA SER A 270 -2.16 25.73 -5.55
C SER A 270 -1.72 26.23 -4.18
N GLY A 271 -2.53 25.94 -3.17
CA GLY A 271 -2.11 26.20 -1.79
C GLY A 271 -0.74 25.66 -1.42
N LEU A 272 -0.50 24.38 -1.71
CA LEU A 272 0.75 23.72 -1.37
C LEU A 272 1.88 24.45 -2.04
N LEU A 273 1.77 24.70 -3.33
CA LEU A 273 2.89 25.35 -4.03
C LEU A 273 3.16 26.74 -3.43
N SER A 274 2.13 27.43 -3.08
CA SER A 274 2.18 28.77 -2.48
C SER A 274 2.84 28.76 -1.12
N PHE A 275 2.46 27.83 -0.25
CA PHE A 275 3.13 27.66 1.04
C PHE A 275 4.56 27.26 0.89
N ALA A 276 4.85 26.33 -0.05
CA ALA A 276 6.20 25.87 -0.21
C ALA A 276 7.13 27.03 -0.63
N LEU A 277 6.70 27.81 -1.62
CA LEU A 277 7.53 28.95 -2.02
C LEU A 277 7.68 29.93 -0.86
N TYR A 278 6.61 30.19 -0.14
CA TYR A 278 6.71 31.01 1.06
C TYR A 278 7.79 30.51 2.03
N PHE A 279 7.75 29.24 2.40
CA PHE A 279 8.75 28.72 3.33
C PHE A 279 10.18 28.76 2.72
N LEU A 280 10.33 28.54 1.41
CA LEU A 280 11.64 28.56 0.79
C LEU A 280 12.23 29.99 0.88
N VAL A 281 11.45 31.02 0.59
CA VAL A 281 11.99 32.40 0.66
C VAL A 281 12.26 32.85 2.09
N LYS A 282 11.60 32.22 3.06
CA LYS A 282 11.81 32.56 4.44
C LYS A 282 12.93 31.76 5.06
N ASN A 283 13.46 30.77 4.33
CA ASN A 283 14.46 29.85 4.81
C ASN A 283 15.55 29.65 3.74
N PRO A 284 16.40 30.68 3.58
CA PRO A 284 17.37 30.66 2.45
C PRO A 284 18.29 29.45 2.33
N HIS A 285 18.71 28.85 3.44
CA HIS A 285 19.53 27.63 3.32
C HIS A 285 18.77 26.45 2.69
N VAL A 286 17.48 26.35 2.99
CA VAL A 286 16.66 25.28 2.42
C VAL A 286 16.48 25.57 0.91
N LEU A 287 16.24 26.81 0.56
CA LEU A 287 16.11 27.22 -0.85
C LEU A 287 17.36 26.86 -1.67
N GLN A 288 18.54 27.14 -1.13
CA GLN A 288 19.79 26.75 -1.82
C GLN A 288 19.89 25.29 -2.07
N LYS A 289 19.60 24.49 -1.07
CA LYS A 289 19.69 23.05 -1.18
C LYS A 289 18.68 22.55 -2.19
N ALA A 290 17.46 23.13 -2.13
CA ALA A 290 16.46 22.75 -3.13
C ALA A 290 16.86 23.11 -4.54
N ALA A 291 17.39 24.30 -4.69
CA ALA A 291 17.88 24.79 -5.99
C ALA A 291 19.07 24.01 -6.52
N GLU A 292 19.97 23.62 -5.63
CA GLU A 292 21.07 22.72 -5.99
C GLU A 292 20.59 21.42 -6.52
N GLU A 293 19.55 20.82 -5.91
CA GLU A 293 19.08 19.56 -6.46
C GLU A 293 18.48 19.78 -7.87
N ALA A 294 17.67 20.83 -8.02
CA ALA A 294 16.96 21.05 -9.26
C ALA A 294 17.95 21.21 -10.39
N ALA A 295 18.99 22.02 -10.17
CA ALA A 295 20.14 22.25 -11.14
C ALA A 295 20.90 20.95 -11.54
N ARG A 296 21.18 20.11 -10.55
CA ARG A 296 21.85 18.84 -10.73
C ARG A 296 20.98 17.84 -11.48
N VAL A 297 19.69 17.77 -11.12
CA VAL A 297 18.81 16.79 -11.68
C VAL A 297 18.22 17.16 -13.04
N LEU A 298 17.69 18.36 -13.16
CA LEU A 298 16.92 18.75 -14.37
C LEU A 298 17.88 19.29 -15.45
N VAL A 299 18.62 18.36 -16.04
CA VAL A 299 19.73 18.68 -16.95
C VAL A 299 19.27 18.91 -18.40
N ASP A 300 17.99 18.65 -18.69
CA ASP A 300 17.45 18.80 -20.02
C ASP A 300 16.54 20.04 -20.09
N PRO A 301 16.26 20.53 -21.28
CA PRO A 301 15.47 21.73 -21.38
C PRO A 301 14.05 21.63 -20.81
N VAL A 302 13.45 20.44 -20.87
CA VAL A 302 12.22 20.16 -20.13
C VAL A 302 12.44 18.86 -19.32
N PRO A 303 11.81 18.79 -18.14
CA PRO A 303 12.00 17.62 -17.30
C PRO A 303 11.31 16.40 -17.83
N SER A 304 11.91 15.27 -17.58
CA SER A 304 11.30 13.98 -17.80
C SER A 304 10.63 13.45 -16.57
N TYR A 305 9.84 12.40 -16.79
CA TYR A 305 9.09 11.80 -15.75
C TYR A 305 10.06 11.26 -14.77
N LYS A 306 11.07 10.52 -15.28
CA LYS A 306 12.07 9.94 -14.36
C LYS A 306 12.83 11.00 -13.57
N GLN A 307 13.14 12.13 -14.16
CA GLN A 307 13.83 13.21 -13.43
C GLN A 307 13.03 13.82 -12.25
N VAL A 308 11.71 13.97 -12.45
CA VAL A 308 10.84 14.52 -11.38
C VAL A 308 10.91 13.54 -10.21
N LYS A 309 10.89 12.25 -10.53
CA LYS A 309 10.99 11.19 -9.52
C LYS A 309 12.28 11.23 -8.73
N GLN A 310 13.34 11.81 -9.33
N GLN A 310 13.35 11.84 -9.27
CA GLN A 310 14.67 12.01 -8.71
CA GLN A 310 14.63 11.98 -8.57
C GLN A 310 14.75 13.20 -7.79
C GLN A 310 14.84 13.32 -7.91
N LEU A 311 13.80 14.14 -7.85
CA LEU A 311 13.82 15.35 -7.04
C LEU A 311 13.33 15.04 -5.60
N LYS A 312 14.19 14.37 -4.87
CA LYS A 312 13.89 13.89 -3.53
C LYS A 312 13.73 14.96 -2.52
N TYR A 313 14.65 15.92 -2.53
CA TYR A 313 14.63 16.96 -1.55
C TYR A 313 13.48 17.88 -1.83
N VAL A 314 13.22 18.12 -3.09
CA VAL A 314 12.01 18.95 -3.44
C VAL A 314 10.73 18.30 -2.84
N GLY A 315 10.62 16.99 -2.98
CA GLY A 315 9.63 16.17 -2.36
C GLY A 315 9.52 16.39 -0.87
N MET A 316 10.67 16.48 -0.22
CA MET A 316 10.69 16.68 1.20
C MET A 316 10.28 18.05 1.55
N VAL A 317 10.62 19.04 0.71
CA VAL A 317 10.20 20.40 0.98
C VAL A 317 8.64 20.42 0.97
N LEU A 318 8.07 19.78 -0.04
CA LEU A 318 6.57 19.74 -0.21
C LEU A 318 5.90 19.06 1.01
N ASN A 319 6.46 17.96 1.50
CA ASN A 319 5.92 17.28 2.67
C ASN A 319 6.03 18.19 3.94
N GLU A 320 7.11 18.92 4.10
CA GLU A 320 7.27 19.77 5.25
C GLU A 320 6.29 20.96 5.15
N ALA A 321 6.01 21.44 3.92
CA ALA A 321 5.05 22.49 3.78
C ALA A 321 3.65 21.97 4.15
N LEU A 322 3.30 20.74 3.70
CA LEU A 322 2.06 20.05 4.11
C LEU A 322 2.06 19.78 5.61
N ARG A 323 3.22 19.60 6.24
CA ARG A 323 3.21 19.38 7.73
C ARG A 323 2.68 20.68 8.43
N LEU A 324 3.31 21.81 8.13
CA LEU A 324 2.94 23.05 8.82
C LEU A 324 1.58 23.59 8.37
N TRP A 325 1.28 23.55 7.08
CA TRP A 325 0.02 24.05 6.58
C TRP A 325 -0.63 23.05 5.60
N PRO A 326 -1.24 21.99 6.14
CA PRO A 326 -1.95 21.05 5.22
C PRO A 326 -3.19 21.77 4.59
N THR A 327 -3.27 21.80 3.27
CA THR A 327 -4.20 22.71 2.60
C THR A 327 -5.67 22.34 2.62
N ALA A 328 -5.99 21.07 2.99
CA ALA A 328 -7.32 20.61 3.35
C ALA A 328 -7.20 20.18 4.84
N PRO A 329 -7.40 21.13 5.78
CA PRO A 329 -6.79 21.04 7.09
C PRO A 329 -7.57 20.22 8.10
N ALA A 330 -8.68 19.61 7.69
CA ALA A 330 -9.44 18.74 8.56
C ALA A 330 -10.07 17.57 7.82
N PHE A 331 -10.29 16.50 8.53
CA PHE A 331 -11.19 15.46 8.05
C PHE A 331 -11.95 14.89 9.29
N SER A 332 -13.01 14.17 9.00
CA SER A 332 -13.95 13.77 10.03
C SER A 332 -14.24 12.27 9.99
N LEU A 333 -14.47 11.73 11.17
CA LEU A 333 -14.72 10.26 11.34
C LEU A 333 -15.94 10.03 12.24
N TYR A 334 -16.59 8.87 12.16
CA TYR A 334 -17.63 8.52 13.13
C TYR A 334 -17.29 7.15 13.69
N ALA A 335 -17.68 6.93 14.94
CA ALA A 335 -17.57 5.62 15.54
C ALA A 335 -18.55 4.60 14.92
N LYS A 336 -18.00 3.52 14.41
CA LYS A 336 -18.81 2.43 13.82
C LYS A 336 -19.56 1.70 14.91
N GLU A 337 -19.00 1.63 16.12
CA GLU A 337 -19.66 0.97 17.27
C GLU A 337 -19.21 1.71 18.52
N ASP A 338 -19.86 1.45 19.67
CA ASP A 338 -19.32 1.99 20.94
C ASP A 338 -17.90 1.62 21.10
N THR A 339 -17.09 2.53 21.58
CA THR A 339 -15.68 2.20 21.71
C THR A 339 -15.00 3.21 22.67
N VAL A 340 -13.84 2.92 23.18
CA VAL A 340 -13.24 3.92 24.06
C VAL A 340 -12.00 4.44 23.39
N LEU A 341 -11.87 5.75 23.34
CA LEU A 341 -10.72 6.38 22.77
C LEU A 341 -9.65 6.68 23.83
N GLY A 342 -8.45 6.22 23.57
CA GLY A 342 -7.30 6.48 24.38
C GLY A 342 -7.37 5.91 25.82
N GLY A 343 -8.21 4.91 26.07
CA GLY A 343 -8.45 4.38 27.44
C GLY A 343 -9.28 5.33 28.35
N GLU A 344 -9.71 6.48 27.80
CA GLU A 344 -10.19 7.56 28.64
C GLU A 344 -11.50 8.18 28.20
N TYR A 345 -11.81 8.15 26.89
CA TYR A 345 -12.94 8.85 26.43
C TYR A 345 -13.86 7.88 25.72
N PRO A 346 -14.95 7.51 26.38
CA PRO A 346 -15.90 6.62 25.81
C PRO A 346 -16.68 7.30 24.74
N LEU A 347 -16.82 6.60 23.62
CA LEU A 347 -17.68 7.08 22.56
C LEU A 347 -18.87 6.10 22.30
N GLU A 348 -20.00 6.64 21.88
CA GLU A 348 -21.11 5.83 21.41
C GLU A 348 -21.13 5.74 19.90
N LYS A 349 -21.61 4.61 19.38
CA LYS A 349 -21.87 4.47 17.96
C LYS A 349 -22.47 5.74 17.36
N GLY A 350 -21.84 6.19 16.27
CA GLY A 350 -22.29 7.34 15.56
C GLY A 350 -21.60 8.63 16.03
N ASP A 351 -20.86 8.60 17.15
CA ASP A 351 -20.19 9.86 17.63
C ASP A 351 -19.13 10.32 16.59
N GLU A 352 -19.09 11.62 16.38
CA GLU A 352 -18.27 12.29 15.40
C GLU A 352 -16.96 12.80 16.00
N LEU A 353 -15.92 12.70 15.20
CA LEU A 353 -14.61 13.25 15.50
C LEU A 353 -14.17 14.12 14.35
N MET A 354 -13.41 15.19 14.68
CA MET A 354 -12.70 15.92 13.68
C MET A 354 -11.17 15.86 13.94
N VAL A 355 -10.40 15.54 12.92
CA VAL A 355 -8.96 15.54 12.99
C VAL A 355 -8.51 16.93 12.55
N LEU A 356 -7.91 17.63 13.48
CA LEU A 356 -7.37 18.98 13.26
C LEU A 356 -5.94 18.86 12.78
N ILE A 357 -5.75 18.73 11.45
CA ILE A 357 -4.51 18.30 10.90
C ILE A 357 -3.29 19.22 11.23
N PRO A 358 -3.44 20.53 11.14
CA PRO A 358 -2.27 21.33 11.44
C PRO A 358 -1.83 21.20 12.90
N GLN A 359 -2.73 20.85 13.78
CA GLN A 359 -2.35 20.73 15.15
C GLN A 359 -1.79 19.38 15.40
N LEU A 360 -2.29 18.33 14.74
CA LEU A 360 -1.60 17.04 14.76
C LEU A 360 -0.11 17.16 14.36
N HIS A 361 0.12 17.90 13.31
CA HIS A 361 1.42 18.06 12.72
C HIS A 361 2.38 18.95 13.55
N ARG A 362 1.84 19.52 14.62
CA ARG A 362 2.61 20.28 15.64
C ARG A 362 2.72 19.54 16.99
N ASP A 363 2.51 18.22 17.00
CA ASP A 363 2.61 17.38 18.20
C ASP A 363 4.08 17.25 18.56
N LYS A 364 4.49 18.01 19.58
CA LYS A 364 5.91 17.96 20.01
C LYS A 364 6.45 16.58 20.43
N THR A 365 5.58 15.69 20.87
CA THR A 365 5.99 14.31 21.24
C THR A 365 6.45 13.54 20.01
N ILE A 366 6.03 13.99 18.81
CA ILE A 366 6.46 13.36 17.56
C ILE A 366 7.63 14.12 16.96
N TRP A 367 7.48 15.41 16.81
CA TRP A 367 8.36 16.12 15.92
C TRP A 367 9.57 16.74 16.67
N GLY A 368 9.44 16.86 17.98
CA GLY A 368 10.48 17.55 18.77
C GLY A 368 10.03 18.94 19.14
N ASP A 369 10.90 19.70 19.79
CA ASP A 369 10.51 21.02 20.20
C ASP A 369 10.66 22.04 19.06
N ASP A 370 11.38 21.73 18.03
CA ASP A 370 11.51 22.67 16.96
C ASP A 370 10.26 22.60 16.00
N VAL A 371 9.01 22.44 16.47
CA VAL A 371 7.89 22.07 15.51
C VAL A 371 7.53 23.16 14.54
N GLU A 372 7.70 24.42 14.94
CA GLU A 372 7.45 25.53 14.05
C GLU A 372 8.51 25.78 13.02
N GLU A 373 9.67 25.12 13.10
CA GLU A 373 10.73 25.32 12.09
C GLU A 373 10.46 24.53 10.82
N PHE A 374 10.93 25.07 9.69
CA PHE A 374 10.78 24.44 8.40
C PHE A 374 12.04 23.66 8.14
N ARG A 375 11.94 22.34 8.27
CA ARG A 375 13.07 21.42 8.06
C ARG A 375 12.71 20.22 7.28
N PRO A 376 12.97 20.23 5.96
CA PRO A 376 12.52 19.14 5.12
C PRO A 376 13.15 17.80 5.50
N GLU A 377 14.28 17.88 6.17
CA GLU A 377 15.07 16.70 6.52
C GLU A 377 14.30 15.82 7.48
N ARG A 378 13.26 16.35 8.07
CA ARG A 378 12.41 15.51 8.93
C ARG A 378 11.89 14.32 8.18
N PHE A 379 11.73 14.49 6.86
CA PHE A 379 11.18 13.49 5.97
C PHE A 379 12.17 12.57 5.24
N GLU A 380 13.41 12.52 5.69
CA GLU A 380 14.39 11.71 4.99
C GLU A 380 14.01 10.23 5.01
N ASN A 381 13.44 9.78 6.11
CA ASN A 381 13.13 8.36 6.28
C ASN A 381 11.72 8.17 6.87
N PRO A 382 10.76 7.78 6.03
CA PRO A 382 9.34 7.56 6.51
C PRO A 382 9.22 6.49 7.64
N SER A 383 10.19 5.57 7.70
CA SER A 383 10.23 4.55 8.74
C SER A 383 10.53 5.10 10.11
N ALA A 384 11.15 6.24 10.19
CA ALA A 384 11.49 6.88 11.45
C ALA A 384 10.33 7.76 11.96
N ILE A 385 9.24 7.84 11.20
CA ILE A 385 8.11 8.63 11.64
C ILE A 385 6.97 7.69 12.19
N PRO A 386 6.45 7.98 13.38
CA PRO A 386 5.42 7.12 13.93
C PRO A 386 4.13 7.05 13.08
N GLN A 387 3.42 5.94 13.22
CA GLN A 387 2.26 5.71 12.39
C GLN A 387 1.25 6.80 12.64
N HIS A 388 0.61 7.29 11.55
CA HIS A 388 -0.45 8.27 11.63
C HIS A 388 -0.05 9.63 12.22
N ALA A 389 1.22 10.01 12.16
CA ALA A 389 1.68 11.35 12.64
C ALA A 389 1.47 12.41 11.55
N PHE A 390 1.36 11.98 10.28
CA PHE A 390 1.40 12.86 9.13
C PHE A 390 0.30 12.48 8.19
N LYS A 391 -0.71 13.29 8.14
CA LYS A 391 -1.92 12.92 7.51
C LYS A 391 -2.52 14.00 6.57
N PRO A 392 -1.71 14.65 5.75
CA PRO A 392 -2.28 15.70 4.87
C PRO A 392 -3.23 15.21 3.80
N PHE A 393 -3.22 13.89 3.53
CA PHE A 393 -3.99 13.29 2.47
C PHE A 393 -5.08 12.35 3.04
N GLY A 394 -5.43 12.55 4.31
CA GLY A 394 -6.47 11.71 4.91
C GLY A 394 -6.03 10.28 5.21
N ASN A 395 -6.98 9.37 5.25
CA ASN A 395 -6.72 8.06 5.83
C ASN A 395 -7.47 6.91 5.12
N GLY A 396 -6.74 5.80 5.01
CA GLY A 396 -7.29 4.45 4.64
C GLY A 396 -7.95 4.43 3.27
N GLN A 397 -9.09 3.81 3.17
CA GLN A 397 -9.70 3.63 1.89
C GLN A 397 -10.34 4.94 1.39
N ARG A 398 -10.58 5.90 2.30
CA ARG A 398 -11.02 7.28 1.94
C ARG A 398 -9.86 8.27 1.82
N ALA A 399 -8.61 7.79 1.72
CA ALA A 399 -7.48 8.70 1.52
C ALA A 399 -7.60 9.40 0.14
N CYS A 400 -6.87 10.46 -0.03
CA CYS A 400 -6.85 11.21 -1.29
C CYS A 400 -6.46 10.31 -2.47
N ILE A 401 -7.31 10.25 -3.47
CA ILE A 401 -7.08 9.45 -4.67
C ILE A 401 -6.05 10.18 -5.57
N GLY A 402 -5.91 11.52 -5.37
CA GLY A 402 -5.01 12.30 -6.24
C GLY A 402 -3.64 12.60 -5.76
N GLN A 403 -3.23 11.99 -4.67
CA GLN A 403 -2.03 12.34 -3.97
C GLN A 403 -0.79 12.38 -4.84
N GLN A 404 -0.62 11.27 -5.58
CA GLN A 404 0.49 11.20 -6.53
C GLN A 404 0.43 12.20 -7.65
N PHE A 405 -0.73 12.43 -8.20
CA PHE A 405 -0.96 13.47 -9.22
C PHE A 405 -0.54 14.85 -8.66
N ALA A 406 -1.06 15.21 -7.47
CA ALA A 406 -0.67 16.49 -6.77
C ALA A 406 0.86 16.64 -6.59
N LEU A 407 1.46 15.66 -5.94
CA LEU A 407 2.85 15.69 -5.64
C LEU A 407 3.72 15.63 -6.88
N HIS A 408 3.30 14.94 -7.95
CA HIS A 408 4.10 14.93 -9.17
C HIS A 408 4.09 16.35 -9.78
N GLU A 409 2.88 16.92 -9.94
CA GLU A 409 2.72 18.24 -10.45
C GLU A 409 3.55 19.23 -9.63
N ALA A 410 3.43 19.20 -8.31
CA ALA A 410 4.04 20.24 -7.50
C ALA A 410 5.56 20.10 -7.55
N THR A 411 6.04 18.87 -7.61
CA THR A 411 7.49 18.59 -7.62
C THR A 411 8.06 19.03 -8.96
N LEU A 412 7.39 18.70 -10.05
CA LEU A 412 7.79 19.20 -11.41
C LEU A 412 7.84 20.71 -11.44
N VAL A 413 6.78 21.40 -10.99
CA VAL A 413 6.70 22.86 -11.12
C VAL A 413 7.70 23.55 -10.16
N LEU A 414 7.70 23.15 -8.90
CA LEU A 414 8.69 23.70 -8.03
C LEU A 414 10.15 23.47 -8.49
N GLY A 415 10.44 22.29 -8.97
CA GLY A 415 11.76 22.00 -9.59
C GLY A 415 12.10 22.99 -10.72
N MET A 416 11.16 23.24 -11.61
CA MET A 416 11.42 24.15 -12.73
C MET A 416 11.60 25.56 -12.21
N MET A 417 10.81 25.95 -11.23
CA MET A 417 10.91 27.30 -10.67
C MET A 417 12.30 27.57 -10.13
N LEU A 418 12.76 26.63 -9.32
CA LEU A 418 14.08 26.69 -8.71
C LEU A 418 15.25 26.55 -9.73
N LYS A 419 15.09 25.79 -10.81
CA LYS A 419 16.08 25.76 -11.90
C LYS A 419 16.21 27.08 -12.58
N HIS A 420 15.06 27.70 -12.89
CA HIS A 420 15.01 28.88 -13.75
C HIS A 420 15.15 30.25 -13.15
N PHE A 421 14.83 30.44 -11.87
CA PHE A 421 14.87 31.74 -11.20
C PHE A 421 15.51 31.71 -9.85
N ASP A 422 16.03 32.91 -9.46
CA ASP A 422 16.25 33.30 -8.07
C ASP A 422 15.10 34.10 -7.57
N PHE A 423 14.69 33.84 -6.33
CA PHE A 423 13.47 34.48 -5.81
C PHE A 423 13.81 35.48 -4.76
N GLU A 424 13.09 36.58 -4.72
CA GLU A 424 13.24 37.56 -3.65
C GLU A 424 11.94 37.83 -2.92
N ASP A 425 11.95 37.71 -1.58
CA ASP A 425 10.87 38.21 -0.75
C ASP A 425 11.01 39.69 -0.63
N HIS A 426 10.54 40.45 -1.63
CA HIS A 426 10.89 41.87 -1.71
C HIS A 426 10.13 42.75 -0.80
N THR A 427 8.97 42.29 -0.26
CA THR A 427 8.19 43.06 0.60
C THR A 427 8.34 42.60 2.09
N ASN A 428 9.21 41.64 2.42
CA ASN A 428 9.22 41.01 3.78
C ASN A 428 7.84 40.56 4.22
N TYR A 429 7.25 39.68 3.39
CA TYR A 429 5.84 39.42 3.42
C TYR A 429 5.51 38.80 4.82
N GLU A 430 4.43 39.25 5.41
CA GLU A 430 3.92 38.66 6.62
C GLU A 430 2.81 37.66 6.26
N LEU A 431 3.04 36.42 6.66
CA LEU A 431 2.10 35.33 6.39
C LEU A 431 0.70 35.70 6.84
N ASP A 432 -0.26 35.60 5.94
CA ASP A 432 -1.64 35.84 6.24
C ASP A 432 -2.38 34.69 5.54
N ILE A 433 -3.00 33.84 6.35
CA ILE A 433 -3.55 32.54 5.83
C ILE A 433 -5.06 32.75 5.63
N LYS A 434 -5.47 32.85 4.36
CA LYS A 434 -6.91 32.93 4.00
C LYS A 434 -7.58 31.55 3.99
N GLU A 435 -8.76 31.49 4.63
CA GLU A 435 -9.54 30.29 4.76
C GLU A 435 -10.77 30.30 3.88
N THR A 436 -10.95 29.22 3.11
CA THR A 436 -12.07 28.95 2.24
C THR A 436 -12.35 27.43 2.36
N LEU A 437 -12.45 26.99 3.61
CA LEU A 437 -12.32 25.61 3.99
C LEU A 437 -10.87 25.17 3.80
N THR A 438 -10.37 25.32 2.58
CA THR A 438 -8.98 25.12 2.23
C THR A 438 -8.19 26.37 2.65
N LEU A 439 -6.89 26.21 2.67
CA LEU A 439 -5.96 27.23 3.15
C LEU A 439 -4.93 27.68 2.10
N LYS A 440 -4.64 28.98 2.06
CA LYS A 440 -3.69 29.52 1.13
C LYS A 440 -3.13 30.83 1.70
N PRO A 441 -1.86 31.15 1.44
CA PRO A 441 -1.34 32.49 1.81
C PRO A 441 -2.09 33.52 0.96
N GLU A 442 -2.48 34.63 1.57
CA GLU A 442 -3.16 35.71 0.89
C GLU A 442 -2.14 36.83 0.75
N GLY A 443 -2.06 37.42 -0.46
CA GLY A 443 -1.18 38.54 -0.73
C GLY A 443 0.28 38.24 -0.79
N PHE A 444 0.63 36.93 -0.89
CA PHE A 444 2.01 36.53 -0.95
C PHE A 444 2.57 36.93 -2.38
N VAL A 445 3.62 37.77 -2.39
CA VAL A 445 4.22 38.29 -3.62
C VAL A 445 5.74 38.10 -3.51
N VAL A 446 6.44 37.91 -4.62
CA VAL A 446 7.89 37.73 -4.72
C VAL A 446 8.31 38.39 -6.03
N LYS A 447 9.62 38.59 -6.17
CA LYS A 447 10.19 38.87 -7.48
C LYS A 447 11.03 37.71 -7.82
N ALA A 448 11.07 37.42 -9.12
CA ALA A 448 11.85 36.31 -9.68
C ALA A 448 12.84 36.83 -10.71
N LYS A 449 14.12 36.58 -10.50
CA LYS A 449 15.23 37.00 -11.39
C LYS A 449 15.72 35.81 -12.20
N SER A 450 15.43 35.87 -13.48
CA SER A 450 15.76 34.79 -14.38
C SER A 450 17.24 34.47 -14.30
N LYS A 451 17.54 33.19 -14.21
CA LYS A 451 18.90 32.68 -14.47
C LYS A 451 19.20 32.56 -15.97
N LYS A 452 18.24 32.87 -16.84
CA LYS A 452 18.46 32.78 -18.29
C LYS A 452 18.91 31.41 -18.81
N ILE A 453 18.25 30.35 -18.33
CA ILE A 453 18.47 29.00 -18.82
C ILE A 453 17.37 28.65 -19.83
N PRO A 454 17.79 28.15 -21.03
CA PRO A 454 16.80 27.92 -22.06
C PRO A 454 15.80 26.81 -21.75
N LEU A 455 14.60 27.02 -22.27
CA LEU A 455 13.47 26.14 -22.14
C LEU A 455 13.25 25.45 -23.51
N GLU B 4 15.03 -10.42 -30.89
CA GLU B 4 15.79 -11.63 -30.46
C GLU B 4 16.09 -11.60 -28.95
N MET B 5 15.63 -12.60 -28.21
CA MET B 5 15.69 -12.54 -26.75
C MET B 5 17.08 -12.89 -26.18
N PRO B 6 17.51 -12.14 -25.16
CA PRO B 6 18.82 -12.47 -24.61
C PRO B 6 18.94 -13.90 -24.05
N GLN B 7 20.18 -14.33 -23.90
CA GLN B 7 20.50 -15.66 -23.41
C GLN B 7 21.91 -15.59 -22.83
N PRO B 8 22.20 -16.39 -21.79
CA PRO B 8 23.61 -16.45 -21.26
C PRO B 8 24.54 -17.35 -22.09
N GLY B 12 29.71 -25.70 -23.97
CA GLY B 12 29.19 -25.87 -25.33
C GLY B 12 27.92 -26.69 -25.38
N GLU B 13 28.05 -28.01 -25.35
CA GLU B 13 26.93 -28.92 -25.66
C GLU B 13 25.90 -28.92 -24.55
N LEU B 14 26.37 -28.78 -23.31
CA LEU B 14 25.50 -28.85 -22.12
C LEU B 14 24.55 -27.64 -22.07
N LYS B 15 24.93 -26.56 -22.75
CA LYS B 15 24.08 -25.39 -22.96
C LYS B 15 24.13 -24.56 -21.70
N ASN B 16 22.99 -24.07 -21.21
CA ASN B 16 22.97 -23.18 -20.05
C ASN B 16 23.05 -23.91 -18.68
N LEU B 17 22.86 -25.23 -18.70
CA LEU B 17 22.84 -26.07 -17.52
C LEU B 17 23.94 -25.81 -16.48
N PRO B 18 25.19 -25.54 -16.95
CA PRO B 18 26.26 -25.35 -15.95
C PRO B 18 26.13 -24.09 -15.09
N LEU B 19 25.14 -23.25 -15.35
CA LEU B 19 24.94 -22.06 -14.54
C LEU B 19 24.18 -22.41 -13.24
N LEU B 20 23.26 -23.37 -13.33
CA LEU B 20 22.51 -23.88 -12.19
C LEU B 20 23.38 -24.84 -11.42
N ASN B 21 24.69 -24.84 -11.67
CA ASN B 21 25.59 -25.68 -10.90
C ASN B 21 26.08 -24.93 -9.66
N THR B 22 25.15 -24.84 -8.72
CA THR B 22 25.29 -24.02 -7.52
C THR B 22 24.20 -24.47 -6.54
N ASP B 23 24.47 -24.28 -5.25
N ASP B 23 24.44 -24.32 -5.24
CA ASP B 23 23.48 -24.51 -4.19
CA ASP B 23 23.39 -24.57 -4.24
C ASP B 23 22.46 -23.36 -4.10
C ASP B 23 22.43 -23.37 -4.12
N LYS B 24 22.77 -22.26 -4.76
CA LYS B 24 21.89 -21.06 -4.80
C LYS B 24 21.45 -20.71 -6.23
N PRO B 25 20.63 -21.56 -6.86
CA PRO B 25 20.21 -21.26 -8.25
C PRO B 25 19.33 -20.04 -8.46
N VAL B 26 18.31 -19.82 -7.61
CA VAL B 26 17.48 -18.62 -7.79
C VAL B 26 18.33 -17.36 -7.69
N GLN B 27 19.25 -17.29 -6.74
CA GLN B 27 20.12 -16.12 -6.62
C GLN B 27 21.06 -15.91 -7.82
N ALA B 28 21.52 -17.01 -8.40
CA ALA B 28 22.25 -17.00 -9.70
C ALA B 28 21.39 -16.47 -10.85
N LEU B 29 20.11 -16.88 -10.91
CA LEU B 29 19.24 -16.42 -11.97
C LEU B 29 18.96 -14.94 -11.83
N MET B 30 18.94 -14.47 -10.58
CA MET B 30 18.69 -13.05 -10.34
C MET B 30 19.85 -12.24 -10.87
N LYS B 31 21.07 -12.73 -10.65
CA LYS B 31 22.27 -12.09 -11.18
C LYS B 31 22.30 -12.16 -12.75
N ILE B 32 21.79 -13.22 -13.36
CA ILE B 32 21.66 -13.29 -14.82
C ILE B 32 20.69 -12.18 -15.24
N ALA B 33 19.56 -12.05 -14.55
CA ALA B 33 18.58 -11.03 -14.88
C ALA B 33 19.07 -9.57 -14.67
N ASP B 34 19.84 -9.32 -13.63
CA ASP B 34 20.42 -8.00 -13.43
C ASP B 34 21.16 -7.58 -14.71
N GLU B 35 21.87 -8.58 -15.25
CA GLU B 35 22.73 -8.49 -16.44
C GLU B 35 21.95 -8.32 -17.75
N LEU B 36 21.12 -9.34 -18.07
CA LEU B 36 20.38 -9.47 -19.36
C LEU B 36 19.01 -8.78 -19.39
N GLY B 37 18.44 -8.48 -18.23
CA GLY B 37 17.24 -7.66 -18.15
C GLY B 37 15.93 -8.44 -18.02
N GLU B 38 14.87 -7.88 -18.57
CA GLU B 38 13.50 -8.35 -18.27
C GLU B 38 13.12 -9.74 -18.80
N ILE B 39 13.92 -10.28 -19.71
CA ILE B 39 13.67 -11.59 -20.26
C ILE B 39 14.94 -12.22 -20.86
N PHE B 40 15.18 -13.49 -20.52
CA PHE B 40 16.22 -14.26 -21.12
C PHE B 40 15.76 -15.67 -21.33
N LYS B 41 16.31 -16.34 -22.34
CA LYS B 41 16.06 -17.75 -22.59
C LYS B 41 17.05 -18.56 -21.81
N PHE B 42 16.57 -19.70 -21.32
CA PHE B 42 17.37 -20.67 -20.62
C PHE B 42 17.17 -22.03 -21.23
N GLU B 43 18.23 -22.61 -21.80
CA GLU B 43 18.19 -23.98 -22.34
C GLU B 43 18.99 -25.02 -21.56
N ALA B 44 18.31 -26.13 -21.23
CA ALA B 44 18.93 -27.36 -20.73
C ALA B 44 18.80 -28.41 -21.84
N PRO B 45 19.53 -29.55 -21.72
CA PRO B 45 19.38 -30.65 -22.67
C PRO B 45 17.94 -31.10 -22.89
N GLY B 46 17.44 -30.83 -24.10
CA GLY B 46 16.08 -31.22 -24.51
C GLY B 46 15.08 -30.56 -23.59
N ARG B 47 15.10 -29.21 -23.60
CA ARG B 47 14.25 -28.37 -22.74
C ARG B 47 14.55 -26.89 -22.88
N VAL B 48 13.50 -26.09 -22.77
CA VAL B 48 13.63 -24.66 -22.93
C VAL B 48 12.66 -23.96 -22.03
N THR B 49 13.12 -22.85 -21.44
CA THR B 49 12.23 -21.94 -20.74
C THR B 49 12.74 -20.49 -20.80
N ARG B 50 11.84 -19.58 -20.48
CA ARG B 50 12.08 -18.12 -20.54
C ARG B 50 11.76 -17.42 -19.22
N TYR B 51 12.79 -16.80 -18.66
CA TYR B 51 12.75 -16.20 -17.31
C TYR B 51 12.34 -14.77 -17.44
N LEU B 52 11.20 -14.46 -16.86
CA LEU B 52 10.69 -13.14 -16.86
C LEU B 52 10.97 -12.43 -15.55
N SER B 53 11.20 -11.12 -15.66
CA SER B 53 11.54 -10.26 -14.50
C SER B 53 10.86 -8.92 -14.40
N SER B 54 10.21 -8.42 -15.46
CA SER B 54 9.63 -7.10 -15.33
C SER B 54 8.16 -7.23 -15.15
N GLN B 55 7.55 -6.27 -14.45
CA GLN B 55 6.13 -6.21 -14.35
C GLN B 55 5.41 -6.12 -15.72
N ARG B 56 6.01 -5.40 -16.68
CA ARG B 56 5.45 -5.32 -18.04
C ARG B 56 5.15 -6.73 -18.66
N LEU B 57 6.13 -7.62 -18.65
CA LEU B 57 5.98 -8.91 -19.31
C LEU B 57 5.21 -9.88 -18.41
N ILE B 58 5.45 -9.80 -17.10
CA ILE B 58 4.72 -10.68 -16.15
C ILE B 58 3.23 -10.40 -16.09
N LYS B 59 2.83 -9.13 -16.22
CA LYS B 59 1.40 -8.81 -16.29
C LYS B 59 0.69 -9.53 -17.46
N GLU B 60 1.37 -9.66 -18.60
CA GLU B 60 0.82 -10.47 -19.74
C GLU B 60 0.80 -11.96 -19.44
N ALA B 61 1.92 -12.47 -18.90
CA ALA B 61 2.01 -13.90 -18.58
C ALA B 61 0.89 -14.32 -17.60
N CYS B 62 0.41 -13.37 -16.79
CA CYS B 62 -0.67 -13.61 -15.80
C CYS B 62 -2.09 -13.50 -16.40
N ASP B 63 -2.16 -13.24 -17.70
CA ASP B 63 -3.46 -13.30 -18.43
C ASP B 63 -3.84 -14.75 -18.71
N GLU B 64 -4.79 -15.24 -17.93
CA GLU B 64 -5.17 -16.66 -17.98
C GLU B 64 -5.96 -17.03 -19.24
N SER B 65 -6.53 -16.05 -19.94
CA SER B 65 -7.05 -16.31 -21.32
C SER B 65 -5.92 -16.70 -22.27
N ARG B 66 -4.69 -16.26 -21.98
CA ARG B 66 -3.54 -16.52 -22.83
C ARG B 66 -2.54 -17.57 -22.30
N PHE B 67 -2.46 -17.75 -20.99
CA PHE B 67 -1.38 -18.59 -20.38
C PHE B 67 -1.94 -19.37 -19.21
N ASP B 68 -1.51 -20.61 -19.05
CA ASP B 68 -1.95 -21.45 -17.91
C ASP B 68 -0.76 -21.83 -17.07
N LYS B 69 -1.04 -22.35 -15.89
CA LYS B 69 0.02 -22.83 -15.01
C LYS B 69 0.69 -23.97 -15.66
N ASN B 70 2.01 -23.86 -15.65
CA ASN B 70 2.87 -24.95 -16.03
C ASN B 70 3.52 -25.62 -14.82
N LEU B 71 3.85 -26.88 -14.97
CA LEU B 71 4.73 -27.59 -14.05
C LEU B 71 6.16 -27.36 -14.54
N SER B 72 6.88 -26.47 -13.84
CA SER B 72 8.35 -26.35 -13.95
C SER B 72 9.01 -27.70 -13.71
N GLN B 73 10.26 -27.85 -14.17
N GLN B 73 10.25 -27.86 -14.17
CA GLN B 73 11.03 -29.06 -13.87
CA GLN B 73 10.98 -29.11 -13.88
C GLN B 73 11.05 -29.32 -12.37
C GLN B 73 11.11 -29.33 -12.36
N ALA B 74 11.20 -28.25 -11.58
CA ALA B 74 11.14 -28.37 -10.09
C ALA B 74 9.85 -29.03 -9.62
N LEU B 75 8.70 -28.50 -10.07
CA LEU B 75 7.41 -29.11 -9.70
C LEU B 75 7.23 -30.56 -10.20
N LYS B 76 7.78 -30.90 -11.37
CA LYS B 76 7.66 -32.26 -11.88
C LYS B 76 8.43 -33.20 -10.97
N PHE B 77 9.55 -32.73 -10.44
CA PHE B 77 10.32 -33.58 -9.53
C PHE B 77 9.62 -33.73 -8.18
N VAL B 78 9.05 -32.64 -7.70
CA VAL B 78 8.29 -32.65 -6.45
C VAL B 78 7.04 -33.51 -6.59
N ARG B 79 6.45 -33.51 -7.79
CA ARG B 79 5.34 -34.41 -8.09
C ARG B 79 5.63 -35.85 -7.75
N ASP B 80 6.89 -36.23 -7.66
CA ASP B 80 7.16 -37.61 -7.25
C ASP B 80 6.65 -37.94 -5.84
N PHE B 81 6.55 -36.93 -4.96
CA PHE B 81 5.88 -37.07 -3.68
C PHE B 81 4.59 -36.23 -3.41
N PHE B 82 4.35 -35.14 -4.16
CA PHE B 82 3.11 -34.39 -4.11
C PHE B 82 2.01 -34.96 -5.03
N GLY B 83 2.39 -35.82 -5.95
CA GLY B 83 1.42 -36.46 -6.83
C GLY B 83 0.58 -35.48 -7.59
N ASP B 84 -0.71 -35.76 -7.61
CA ASP B 84 -1.63 -34.87 -8.29
C ASP B 84 -2.39 -34.14 -7.19
N GLY B 85 -1.69 -33.82 -6.10
CA GLY B 85 -2.22 -32.86 -5.17
C GLY B 85 -2.42 -31.49 -5.78
N LEU B 86 -2.92 -30.53 -4.98
CA LEU B 86 -3.24 -29.19 -5.47
C LEU B 86 -2.05 -28.42 -6.08
N VAL B 87 -0.85 -28.62 -5.56
CA VAL B 87 0.27 -27.86 -6.01
C VAL B 87 0.85 -28.37 -7.30
N THR B 88 0.83 -29.70 -7.52
CA THR B 88 1.53 -30.32 -8.63
C THR B 88 0.60 -30.99 -9.68
N SER B 89 -0.69 -30.72 -9.58
CA SER B 89 -1.66 -31.07 -10.64
C SER B 89 -1.78 -29.98 -11.70
N TRP B 90 -2.00 -30.41 -12.94
CA TRP B 90 -2.30 -29.48 -14.05
C TRP B 90 -3.72 -29.03 -13.86
N THR B 91 -3.97 -27.77 -14.23
CA THR B 91 -5.26 -27.16 -14.14
C THR B 91 -6.35 -27.99 -14.87
N HIS B 92 -5.98 -28.62 -15.96
CA HIS B 92 -6.90 -29.58 -16.65
C HIS B 92 -7.03 -31.00 -16.07
N GLU B 93 -6.17 -31.42 -15.11
CA GLU B 93 -6.39 -32.70 -14.41
C GLU B 93 -7.62 -32.65 -13.55
N LYS B 94 -8.41 -33.71 -13.63
CA LYS B 94 -9.75 -33.74 -13.00
C LYS B 94 -9.58 -33.46 -11.49
N ASN B 95 -8.52 -34.01 -10.92
CA ASN B 95 -8.29 -33.87 -9.46
C ASN B 95 -7.93 -32.42 -9.02
N TRP B 96 -7.53 -31.54 -9.93
CA TRP B 96 -7.27 -30.13 -9.50
C TRP B 96 -8.58 -29.47 -9.12
N LYS B 97 -9.51 -29.35 -10.09
CA LYS B 97 -10.69 -28.59 -9.81
C LYS B 97 -11.52 -29.30 -8.74
N LYS B 98 -11.52 -30.62 -8.76
CA LYS B 98 -12.27 -31.36 -7.75
C LYS B 98 -11.75 -31.10 -6.32
N ALA B 99 -10.45 -31.23 -6.15
CA ALA B 99 -9.87 -31.00 -4.79
C ALA B 99 -10.05 -29.52 -4.40
N HIS B 100 -9.90 -28.62 -5.38
CA HIS B 100 -10.03 -27.17 -5.16
C HIS B 100 -11.39 -26.90 -4.60
N ASN B 101 -12.41 -27.48 -5.26
CA ASN B 101 -13.77 -27.21 -4.80
C ASN B 101 -14.01 -27.80 -3.44
N ILE B 102 -13.44 -28.98 -3.15
CA ILE B 102 -13.68 -29.67 -1.86
C ILE B 102 -12.99 -28.96 -0.66
N LEU B 103 -11.82 -28.39 -0.93
CA LEU B 103 -10.98 -27.84 0.17
C LEU B 103 -11.06 -26.33 0.29
N LEU B 104 -11.48 -25.60 -0.74
CA LEU B 104 -11.64 -24.13 -0.59
C LEU B 104 -12.39 -23.66 0.63
N PRO B 105 -13.46 -24.39 1.03
CA PRO B 105 -14.23 -23.94 2.16
C PRO B 105 -13.45 -24.01 3.46
N SER B 106 -12.37 -24.80 3.49
CA SER B 106 -11.48 -24.86 4.65
C SER B 106 -10.69 -23.57 4.87
N PHE B 107 -10.75 -22.68 3.90
CA PHE B 107 -10.08 -21.39 4.01
C PHE B 107 -11.03 -20.18 4.00
N SER B 108 -12.27 -20.36 4.46
CA SER B 108 -13.25 -19.27 4.50
C SER B 108 -12.97 -18.49 5.76
N GLN B 109 -13.50 -17.27 5.82
CA GLN B 109 -13.47 -16.47 7.01
C GLN B 109 -13.96 -17.22 8.24
N GLN B 110 -15.09 -17.92 8.15
CA GLN B 110 -15.56 -18.70 9.28
C GLN B 110 -14.50 -19.74 9.75
N ALA B 111 -13.86 -20.38 8.77
CA ALA B 111 -12.86 -21.43 9.07
C ALA B 111 -11.70 -20.77 9.78
N MET B 112 -11.25 -19.62 9.26
CA MET B 112 -10.12 -18.90 9.85
C MET B 112 -10.34 -18.52 11.31
N LYS B 113 -11.54 -18.01 11.56
CA LYS B 113 -11.90 -17.70 12.92
C LYS B 113 -11.84 -18.96 13.80
N GLY B 114 -12.16 -20.10 13.23
CA GLY B 114 -12.13 -21.34 14.05
C GLY B 114 -10.69 -21.87 14.24
N TYR B 115 -9.78 -21.58 13.30
CA TYR B 115 -8.37 -21.99 13.50
C TYR B 115 -7.66 -21.15 14.57
N HIS B 116 -8.19 -19.94 14.86
CA HIS B 116 -7.44 -18.98 15.60
C HIS B 116 -6.94 -19.59 16.88
N ALA B 117 -7.83 -20.26 17.60
CA ALA B 117 -7.48 -20.60 18.96
C ALA B 117 -6.36 -21.63 18.95
N MET B 118 -6.35 -22.53 17.97
CA MET B 118 -5.26 -23.52 17.85
C MET B 118 -3.94 -22.88 17.42
N MET B 119 -4.01 -21.84 16.57
CA MET B 119 -2.80 -21.10 16.23
C MET B 119 -2.24 -20.45 17.50
N VAL B 120 -3.11 -19.91 18.37
CA VAL B 120 -2.65 -19.33 19.62
C VAL B 120 -1.96 -20.37 20.53
N ASP B 121 -2.49 -21.62 20.52
CA ASP B 121 -1.87 -22.75 21.28
C ASP B 121 -0.40 -22.91 20.93
N ILE B 122 -0.10 -22.97 19.64
CA ILE B 122 1.30 -23.19 19.22
C ILE B 122 2.13 -21.92 19.46
N ALA B 123 1.58 -20.74 19.13
CA ALA B 123 2.27 -19.46 19.45
C ALA B 123 2.64 -19.29 20.87
N VAL B 124 1.75 -19.60 21.77
CA VAL B 124 2.08 -19.59 23.19
C VAL B 124 3.22 -20.55 23.53
N GLN B 125 3.22 -21.74 22.90
CA GLN B 125 4.40 -22.64 23.06
C GLN B 125 5.76 -22.04 22.66
N LEU B 126 5.78 -21.33 21.55
CA LEU B 126 6.91 -20.58 21.10
C LEU B 126 7.33 -19.54 22.08
N VAL B 127 6.43 -18.72 22.55
CA VAL B 127 6.76 -17.66 23.46
C VAL B 127 7.28 -18.22 24.80
N GLN B 128 6.64 -19.27 25.31
CA GLN B 128 7.06 -19.88 26.53
C GLN B 128 8.44 -20.46 26.38
N LYS B 129 8.75 -21.06 25.24
CA LYS B 129 10.09 -21.60 25.02
C LYS B 129 11.15 -20.50 25.29
N TRP B 130 10.91 -19.37 24.65
CA TRP B 130 11.88 -18.26 24.67
C TRP B 130 11.88 -17.61 26.02
N GLU B 131 10.76 -17.55 26.69
CA GLU B 131 10.72 -17.06 28.06
C GLU B 131 11.59 -17.87 29.03
N ARG B 132 11.77 -19.13 28.72
CA ARG B 132 12.41 -20.12 29.60
C ARG B 132 13.86 -20.32 29.32
N LEU B 133 14.42 -19.61 28.36
CA LEU B 133 15.82 -19.74 28.05
C LEU B 133 16.58 -19.02 29.15
N ASN B 134 17.77 -19.53 29.49
CA ASN B 134 18.65 -18.85 30.40
C ASN B 134 19.32 -17.65 29.68
N ALA B 135 19.87 -16.71 30.45
CA ALA B 135 20.48 -15.50 29.84
C ALA B 135 21.71 -15.89 29.01
N ASP B 136 21.92 -15.26 27.89
CA ASP B 136 23.05 -15.80 27.10
C ASP B 136 22.87 -17.18 26.44
N GLU B 137 21.71 -17.82 26.57
CA GLU B 137 21.28 -18.75 25.51
C GLU B 137 20.76 -17.87 24.33
N HIS B 138 20.76 -18.42 23.14
CA HIS B 138 20.20 -17.74 21.95
C HIS B 138 19.16 -18.63 21.29
N ILE B 139 18.62 -18.07 20.23
CA ILE B 139 17.49 -18.65 19.46
C ILE B 139 17.96 -18.95 18.08
N GLU B 140 17.66 -20.17 17.64
CA GLU B 140 17.92 -20.56 16.25
C GLU B 140 16.64 -20.22 15.48
N VAL B 141 16.65 -19.15 14.68
CA VAL B 141 15.34 -18.56 14.27
C VAL B 141 14.58 -19.45 13.25
N PRO B 142 15.17 -19.82 12.10
CA PRO B 142 14.37 -20.68 11.20
C PRO B 142 14.02 -22.07 11.74
N GLU B 143 14.85 -22.56 12.67
CA GLU B 143 14.58 -23.86 13.29
C GLU B 143 13.33 -23.72 14.19
N ASP B 144 13.21 -22.64 14.98
CA ASP B 144 12.04 -22.45 15.82
C ASP B 144 10.82 -22.06 15.00
N MET B 145 11.04 -21.33 13.93
CA MET B 145 9.86 -20.98 13.13
C MET B 145 9.27 -22.21 12.46
N THR B 146 10.14 -23.13 12.05
CA THR B 146 9.72 -24.45 11.55
C THR B 146 8.95 -25.26 12.60
N ARG B 147 9.40 -25.23 13.86
CA ARG B 147 8.65 -25.87 14.94
C ARG B 147 7.22 -25.33 15.00
N LEU B 148 7.11 -24.01 15.01
CA LEU B 148 5.82 -23.37 15.12
C LEU B 148 4.90 -23.67 13.94
N THR B 149 5.46 -23.51 12.72
CA THR B 149 4.64 -23.57 11.51
C THR B 149 4.18 -25.00 11.22
N LEU B 150 5.09 -25.96 11.37
CA LEU B 150 4.69 -27.37 11.15
C LEU B 150 3.64 -27.76 12.19
N ASP B 151 3.82 -27.40 13.45
CA ASP B 151 2.86 -27.73 14.45
C ASP B 151 1.53 -27.08 14.25
N THR B 152 1.52 -25.90 13.68
CA THR B 152 0.27 -25.17 13.50
C THR B 152 -0.54 -25.83 12.39
N ILE B 153 0.12 -26.17 11.28
CA ILE B 153 -0.64 -26.90 10.19
C ILE B 153 -1.06 -28.28 10.62
N GLY B 154 -0.21 -28.99 11.39
CA GLY B 154 -0.67 -30.26 11.92
C GLY B 154 -1.88 -30.19 12.80
N LEU B 155 -1.92 -29.23 13.73
CA LEU B 155 -3.05 -29.11 14.65
C LEU B 155 -4.29 -28.54 13.96
N CYS B 156 -4.13 -27.44 13.23
CA CYS B 156 -5.32 -26.80 12.63
C CYS B 156 -5.84 -27.64 11.49
N GLY B 157 -4.96 -28.25 10.70
CA GLY B 157 -5.35 -28.95 9.51
C GLY B 157 -5.86 -30.36 9.81
N PHE B 158 -5.25 -31.04 10.80
CA PHE B 158 -5.33 -32.49 10.95
C PHE B 158 -5.59 -32.95 12.40
N ASN B 159 -5.72 -32.01 13.33
CA ASN B 159 -5.88 -32.31 14.78
C ASN B 159 -4.82 -33.23 15.29
N TYR B 160 -3.63 -33.10 14.75
CA TYR B 160 -2.49 -33.96 15.06
C TYR B 160 -1.32 -33.09 15.66
N ARG B 161 -0.76 -33.54 16.79
CA ARG B 161 0.27 -32.78 17.53
C ARG B 161 1.62 -33.37 17.20
N PHE B 162 2.40 -32.63 16.42
CA PHE B 162 3.75 -32.99 16.15
C PHE B 162 4.65 -32.75 17.42
N ASN B 163 4.21 -31.93 18.36
CA ASN B 163 5.03 -31.61 19.55
C ASN B 163 6.48 -31.31 19.25
N SER B 164 6.69 -30.39 18.30
CA SER B 164 8.03 -30.02 17.89
C SER B 164 8.75 -29.26 19.01
N PHE B 165 8.06 -28.64 19.95
CA PHE B 165 8.74 -27.92 21.02
C PHE B 165 9.17 -28.82 22.13
N TYR B 166 8.85 -30.10 22.00
CA TYR B 166 9.25 -31.13 22.98
C TYR B 166 10.46 -31.90 22.48
N ARG B 167 11.05 -31.36 21.41
CA ARG B 167 12.14 -32.00 20.68
C ARG B 167 13.24 -30.99 20.45
N ASP B 168 14.45 -31.48 20.64
CA ASP B 168 15.62 -30.69 20.62
C ASP B 168 16.21 -30.76 19.22
N GLN B 169 15.95 -31.86 18.55
CA GLN B 169 16.30 -32.08 17.18
C GLN B 169 15.15 -31.74 16.27
N PRO B 170 15.42 -31.37 14.98
CA PRO B 170 14.27 -31.21 14.10
C PRO B 170 13.46 -32.47 14.13
N HIS B 171 12.16 -32.34 13.95
CA HIS B 171 11.31 -33.49 13.80
C HIS B 171 11.74 -34.32 12.55
N PRO B 172 11.62 -35.67 12.63
CA PRO B 172 12.12 -36.55 11.55
C PRO B 172 11.45 -36.24 10.20
N PHE B 173 10.21 -35.79 10.26
CA PHE B 173 9.49 -35.41 9.08
C PHE B 173 10.12 -34.23 8.45
N ILE B 174 10.59 -33.27 9.24
CA ILE B 174 11.28 -32.12 8.67
C ILE B 174 12.62 -32.57 8.00
N THR B 175 13.36 -33.48 8.66
CA THR B 175 14.68 -33.86 8.20
C THR B 175 14.54 -34.49 6.80
N SER B 176 13.54 -35.35 6.67
CA SER B 176 13.21 -36.00 5.36
C SER B 176 12.71 -35.03 4.30
N MET B 177 11.79 -34.14 4.70
CA MET B 177 11.30 -33.05 3.83
C MET B 177 12.45 -32.27 3.24
N VAL B 178 13.28 -31.73 4.12
CA VAL B 178 14.41 -30.91 3.68
C VAL B 178 15.30 -31.66 2.64
N ARG B 179 15.61 -32.93 2.88
CA ARG B 179 16.48 -33.72 2.00
C ARG B 179 15.77 -34.03 0.70
N ALA B 180 14.45 -34.17 0.77
CA ALA B 180 13.66 -34.43 -0.46
C ALA B 180 13.61 -33.18 -1.31
N LEU B 181 13.36 -32.02 -0.69
CA LEU B 181 13.35 -30.76 -1.44
C LEU B 181 14.74 -30.45 -2.03
N ASP B 182 15.77 -30.72 -1.22
N ASP B 182 15.79 -30.78 -1.29
CA ASP B 182 17.19 -30.59 -1.58
CA ASP B 182 17.16 -30.49 -1.72
C ASP B 182 17.47 -31.39 -2.86
C ASP B 182 17.58 -31.43 -2.87
N GLU B 183 17.13 -32.68 -2.79
CA GLU B 183 17.32 -33.60 -3.93
C GLU B 183 16.60 -33.12 -5.20
N ALA B 184 15.29 -32.79 -5.10
CA ALA B 184 14.58 -32.25 -6.26
C ALA B 184 15.34 -31.06 -6.87
N MET B 185 15.88 -30.21 -6.02
CA MET B 185 16.51 -29.03 -6.49
C MET B 185 17.84 -29.44 -7.11
N ASN B 186 18.54 -30.38 -6.51
CA ASN B 186 19.84 -30.83 -7.06
C ASN B 186 19.64 -31.50 -8.43
N LYS B 187 18.51 -32.20 -8.58
CA LYS B 187 18.16 -32.90 -9.83
C LYS B 187 18.07 -31.97 -11.04
N LEU B 188 17.80 -30.68 -10.79
CA LEU B 188 17.65 -29.69 -11.84
C LEU B 188 18.91 -29.52 -12.67
N GLN B 189 20.08 -29.69 -12.03
CA GLN B 189 21.37 -29.56 -12.73
C GLN B 189 21.87 -30.89 -13.34
N ARG B 190 21.20 -32.02 -13.08
CA ARG B 190 21.64 -33.35 -13.61
C ARG B 190 21.34 -33.59 -15.08
N ALA B 191 22.41 -33.59 -15.87
CA ALA B 191 22.32 -33.94 -17.29
C ALA B 191 21.72 -35.35 -17.48
N ASN B 192 22.23 -36.35 -16.76
CA ASN B 192 21.78 -37.76 -16.90
C ASN B 192 21.26 -38.33 -15.57
N PRO B 193 19.96 -38.09 -15.26
CA PRO B 193 19.37 -38.42 -13.95
C PRO B 193 19.22 -39.91 -13.69
N ASP B 194 19.17 -40.71 -14.76
CA ASP B 194 19.08 -42.16 -14.59
C ASP B 194 20.44 -42.88 -14.72
N ASP B 195 21.54 -42.12 -14.82
CA ASP B 195 22.92 -42.61 -14.56
C ASP B 195 22.96 -43.34 -13.21
N PRO B 196 23.57 -44.54 -13.16
CA PRO B 196 23.69 -45.27 -11.87
C PRO B 196 24.43 -44.54 -10.74
N ALA B 197 25.28 -43.56 -11.06
CA ALA B 197 25.85 -42.68 -10.02
C ALA B 197 24.80 -41.98 -9.11
N TYR B 198 23.52 -42.01 -9.52
CA TYR B 198 22.41 -41.36 -8.77
C TYR B 198 21.46 -42.38 -8.17
N ASP B 199 21.85 -43.66 -8.18
CA ASP B 199 21.09 -44.77 -7.54
C ASP B 199 20.93 -44.62 -6.01
N GLU B 200 21.94 -44.03 -5.36
CA GLU B 200 21.94 -43.76 -3.93
C GLU B 200 21.01 -42.55 -3.65
N ASN B 201 21.16 -41.46 -4.41
CA ASN B 201 20.22 -40.32 -4.31
C ASN B 201 18.76 -40.79 -4.42
N LYS B 202 18.49 -41.69 -5.36
CA LYS B 202 17.15 -42.29 -5.50
C LYS B 202 16.71 -43.13 -4.30
N ARG B 203 17.66 -43.87 -3.75
CA ARG B 203 17.37 -44.71 -2.59
C ARG B 203 17.02 -43.77 -1.44
N GLN B 204 17.91 -42.84 -1.18
CA GLN B 204 17.70 -41.83 -0.12
C GLN B 204 16.36 -41.05 -0.32
N PHE B 205 16.05 -40.69 -1.56
CA PHE B 205 14.81 -40.02 -1.94
C PHE B 205 13.59 -40.87 -1.57
N GLN B 206 13.63 -42.15 -1.92
CA GLN B 206 12.48 -42.98 -1.64
C GLN B 206 12.34 -43.22 -0.12
N GLU B 207 13.48 -43.32 0.59
CA GLU B 207 13.47 -43.43 2.06
C GLU B 207 12.83 -42.18 2.69
N ASP B 208 13.25 -41.01 2.20
CA ASP B 208 12.66 -39.73 2.64
C ASP B 208 11.14 -39.60 2.33
N ILE B 209 10.70 -40.07 1.16
CA ILE B 209 9.30 -40.07 0.82
C ILE B 209 8.56 -41.03 1.73
N LYS B 210 9.17 -42.17 2.03
CA LYS B 210 8.53 -43.14 2.92
C LYS B 210 8.28 -42.60 4.34
N VAL B 211 9.27 -41.91 4.92
CA VAL B 211 9.13 -41.27 6.24
C VAL B 211 7.94 -40.32 6.23
N MET B 212 7.88 -39.48 5.19
CA MET B 212 6.75 -38.56 5.07
C MET B 212 5.46 -39.35 5.01
N ASN B 213 5.40 -40.38 4.18
CA ASN B 213 4.16 -41.15 4.08
C ASN B 213 3.73 -41.95 5.30
N ASP B 214 4.70 -42.47 6.02
CA ASP B 214 4.40 -43.16 7.26
C ASP B 214 3.74 -42.22 8.26
N LEU B 215 4.15 -40.97 8.23
CA LEU B 215 3.50 -39.97 9.09
C LEU B 215 2.08 -39.74 8.57
N VAL B 216 1.93 -39.59 7.25
CA VAL B 216 0.58 -39.47 6.67
C VAL B 216 -0.35 -40.59 7.14
N ASP B 217 0.16 -41.81 7.14
CA ASP B 217 -0.55 -43.01 7.68
C ASP B 217 -0.94 -42.91 9.16
N LYS B 218 -0.04 -42.44 10.02
CA LYS B 218 -0.40 -42.17 11.42
C LYS B 218 -1.58 -41.14 11.53
N ILE B 219 -1.55 -40.07 10.73
CA ILE B 219 -2.60 -39.05 10.80
C ILE B 219 -3.94 -39.63 10.39
N ILE B 220 -3.92 -40.42 9.34
CA ILE B 220 -5.17 -41.00 8.86
C ILE B 220 -5.70 -42.00 9.89
N ALA B 221 -4.81 -42.82 10.43
CA ALA B 221 -5.15 -43.74 11.56
C ALA B 221 -5.71 -43.05 12.85
N ASP B 222 -5.04 -42.00 13.31
CA ASP B 222 -5.53 -41.22 14.43
C ASP B 222 -6.97 -40.68 14.15
N ARG B 223 -7.24 -40.16 12.94
CA ARG B 223 -8.60 -39.66 12.65
C ARG B 223 -9.61 -40.83 12.58
N LYS B 224 -9.19 -41.96 12.03
CA LYS B 224 -10.08 -43.13 11.88
C LYS B 224 -10.46 -43.59 13.33
N ALA B 225 -9.46 -43.72 14.19
CA ALA B 225 -9.68 -44.09 15.60
C ALA B 225 -10.36 -43.02 16.50
N SER B 226 -10.45 -41.76 16.07
CA SER B 226 -10.98 -40.67 16.96
C SER B 226 -12.45 -40.87 17.45
N SER B 230 -14.59 -33.13 14.98
CA SER B 230 -13.66 -32.39 14.12
C SER B 230 -14.34 -31.87 12.82
N ASP B 231 -14.05 -30.62 12.49
CA ASP B 231 -14.39 -30.10 11.16
C ASP B 231 -13.20 -29.25 10.73
N ASP B 232 -12.27 -29.87 10.05
CA ASP B 232 -11.02 -29.22 9.65
C ASP B 232 -10.65 -29.67 8.24
N LEU B 233 -9.48 -29.29 7.76
CA LEU B 233 -9.08 -29.66 6.43
C LEU B 233 -9.27 -31.15 6.22
N LEU B 234 -8.83 -31.95 7.21
CA LEU B 234 -8.90 -33.40 7.04
C LEU B 234 -10.36 -33.89 6.96
N THR B 235 -11.25 -33.26 7.70
CA THR B 235 -12.66 -33.67 7.65
C THR B 235 -13.18 -33.43 6.22
N HIS B 236 -12.79 -32.33 5.61
CA HIS B 236 -13.19 -32.03 4.25
C HIS B 236 -12.55 -32.96 3.23
N MET B 237 -11.29 -33.36 3.42
CA MET B 237 -10.64 -34.33 2.57
C MET B 237 -11.33 -35.68 2.62
N LEU B 238 -11.72 -36.10 3.83
CA LEU B 238 -12.29 -37.45 4.01
C LEU B 238 -13.76 -37.53 3.62
N ASN B 239 -14.49 -36.42 3.70
CA ASN B 239 -15.96 -36.42 3.63
C ASN B 239 -16.58 -35.46 2.60
N GLY B 240 -15.88 -34.43 2.13
CA GLY B 240 -16.54 -33.41 1.33
C GLY B 240 -16.75 -33.90 -0.10
N LYS B 241 -17.83 -33.43 -0.73
CA LYS B 241 -18.11 -33.84 -2.09
C LYS B 241 -17.94 -32.65 -3.03
N ASP B 242 -17.30 -32.87 -4.15
CA ASP B 242 -17.23 -31.86 -5.16
C ASP B 242 -18.63 -31.58 -5.76
N PRO B 243 -19.16 -30.33 -5.67
CA PRO B 243 -20.50 -30.08 -6.24
C PRO B 243 -20.63 -30.36 -7.73
N GLU B 244 -19.55 -30.28 -8.50
CA GLU B 244 -19.58 -30.51 -9.94
C GLU B 244 -19.68 -31.98 -10.27
N THR B 245 -18.71 -32.77 -9.83
CA THR B 245 -18.71 -34.24 -10.13
C THR B 245 -19.67 -35.00 -9.20
N GLY B 246 -19.96 -34.40 -8.05
CA GLY B 246 -20.66 -35.04 -6.96
C GLY B 246 -19.88 -36.05 -6.22
N GLU B 247 -18.55 -36.12 -6.47
CA GLU B 247 -17.71 -37.17 -5.89
C GLU B 247 -16.81 -36.58 -4.79
N PRO B 248 -16.45 -37.40 -3.79
CA PRO B 248 -15.37 -37.08 -2.87
C PRO B 248 -14.01 -37.42 -3.43
N LEU B 249 -12.97 -36.94 -2.80
CA LEU B 249 -11.65 -37.46 -3.16
C LEU B 249 -11.47 -38.93 -2.84
N ASP B 250 -10.68 -39.62 -3.64
CA ASP B 250 -10.32 -40.99 -3.29
C ASP B 250 -9.05 -41.02 -2.40
N ASP B 251 -8.78 -42.18 -1.86
CA ASP B 251 -7.69 -42.38 -0.90
C ASP B 251 -6.32 -42.01 -1.43
N GLU B 252 -6.02 -42.34 -2.69
CA GLU B 252 -4.73 -42.02 -3.25
C GLU B 252 -4.56 -40.49 -3.30
N ASN B 253 -5.60 -39.78 -3.79
CA ASN B 253 -5.47 -38.33 -3.84
C ASN B 253 -5.41 -37.71 -2.45
N ILE B 254 -6.20 -38.24 -1.48
CA ILE B 254 -6.17 -37.72 -0.11
C ILE B 254 -4.75 -37.76 0.46
N ARG B 255 -4.05 -38.87 0.25
CA ARG B 255 -2.65 -39.02 0.72
C ARG B 255 -1.69 -37.99 0.14
N TYR B 256 -1.86 -37.72 -1.16
CA TYR B 256 -1.08 -36.66 -1.80
C TYR B 256 -1.45 -35.28 -1.23
N GLN B 257 -2.71 -35.03 -0.98
CA GLN B 257 -3.10 -33.73 -0.41
C GLN B 257 -2.55 -33.53 1.01
N ILE B 258 -2.53 -34.59 1.80
CA ILE B 258 -2.04 -34.52 3.16
C ILE B 258 -0.59 -34.12 3.10
N ILE B 259 0.22 -34.81 2.30
N ILE B 259 0.23 -34.79 2.32
CA ILE B 259 1.65 -34.47 2.16
CA ILE B 259 1.65 -34.44 2.28
C ILE B 259 1.82 -33.05 1.67
C ILE B 259 1.85 -33.04 1.66
N THR B 260 1.00 -32.67 0.68
CA THR B 260 1.07 -31.32 0.11
C THR B 260 0.84 -30.25 1.18
N PHE B 261 -0.24 -30.39 1.93
CA PHE B 261 -0.58 -29.34 2.91
C PHE B 261 0.37 -29.31 4.11
N LEU B 262 0.87 -30.46 4.56
CA LEU B 262 1.88 -30.50 5.60
C LEU B 262 3.14 -29.69 5.20
N ILE B 263 3.59 -29.76 3.94
CA ILE B 263 4.80 -29.09 3.46
C ILE B 263 4.51 -27.65 2.99
N ALA B 264 3.63 -27.53 1.98
CA ALA B 264 3.23 -26.22 1.51
C ALA B 264 2.61 -25.37 2.60
N GLY B 265 1.92 -26.00 3.56
CA GLY B 265 1.25 -25.35 4.68
C GLY B 265 2.13 -24.91 5.88
N HIS B 266 3.46 -25.10 5.77
CA HIS B 266 4.38 -24.58 6.83
C HIS B 266 5.69 -24.06 6.39
N GLU B 267 6.29 -24.66 5.36
CA GLU B 267 7.72 -24.34 5.05
C GLU B 267 7.94 -22.90 4.66
N THR B 268 7.13 -22.39 3.75
CA THR B 268 7.30 -21.07 3.25
C THR B 268 6.82 -20.00 4.31
N THR B 269 5.93 -20.38 5.26
CA THR B 269 5.50 -19.52 6.36
C THR B 269 6.69 -19.41 7.38
N SER B 270 7.39 -20.50 7.55
CA SER B 270 8.62 -20.52 8.38
C SER B 270 9.68 -19.58 7.76
N GLY B 271 9.85 -19.68 6.45
CA GLY B 271 10.74 -18.74 5.72
C GLY B 271 10.37 -17.26 5.89
N LEU B 272 9.07 -16.95 5.77
CA LEU B 272 8.60 -15.57 5.88
C LEU B 272 8.86 -15.06 7.28
N LEU B 273 8.50 -15.82 8.33
CA LEU B 273 8.73 -15.34 9.67
C LEU B 273 10.20 -15.04 9.93
N SER B 274 11.04 -15.88 9.38
CA SER B 274 12.52 -15.81 9.55
C SER B 274 13.14 -14.60 8.82
N PHE B 275 12.71 -14.37 7.58
CA PHE B 275 13.07 -13.15 6.84
C PHE B 275 12.53 -11.88 7.51
N ALA B 276 11.31 -11.90 8.06
CA ALA B 276 10.71 -10.71 8.63
C ALA B 276 11.47 -10.36 9.90
N LEU B 277 11.79 -11.34 10.72
CA LEU B 277 12.62 -11.03 11.92
C LEU B 277 14.00 -10.53 11.53
N TYR B 278 14.59 -11.13 10.49
CA TYR B 278 15.90 -10.68 9.98
C TYR B 278 15.83 -9.18 9.65
N PHE B 279 14.80 -8.80 8.86
CA PHE B 279 14.79 -7.46 8.37
C PHE B 279 14.51 -6.50 9.53
N LEU B 280 13.70 -6.94 10.47
CA LEU B 280 13.40 -6.13 11.64
C LEU B 280 14.64 -5.80 12.45
N VAL B 281 15.40 -6.83 12.79
CA VAL B 281 16.61 -6.58 13.56
C VAL B 281 17.65 -5.75 12.77
N LYS B 282 17.69 -5.84 11.45
CA LYS B 282 18.56 -5.00 10.65
C LYS B 282 18.05 -3.51 10.46
N ASN B 283 16.80 -3.25 10.81
CA ASN B 283 16.13 -1.93 10.58
C ASN B 283 15.40 -1.47 11.86
N PRO B 284 16.18 -0.97 12.81
CA PRO B 284 15.62 -0.71 14.11
C PRO B 284 14.49 0.34 14.14
N HIS B 285 14.43 1.28 13.18
CA HIS B 285 13.29 2.20 13.16
C HIS B 285 12.00 1.42 12.83
N VAL B 286 12.10 0.44 11.92
CA VAL B 286 10.91 -0.38 11.54
C VAL B 286 10.51 -1.28 12.67
N LEU B 287 11.50 -1.91 13.34
CA LEU B 287 11.17 -2.70 14.54
C LEU B 287 10.45 -1.92 15.62
N GLN B 288 10.90 -0.69 15.86
CA GLN B 288 10.30 0.13 16.88
C GLN B 288 8.88 0.37 16.49
N LYS B 289 8.62 0.65 15.23
CA LYS B 289 7.24 0.98 14.86
C LYS B 289 6.29 -0.27 14.97
N ALA B 290 6.80 -1.40 14.51
CA ALA B 290 6.09 -2.67 14.62
C ALA B 290 5.83 -3.08 16.05
N ALA B 291 6.82 -2.91 16.92
CA ALA B 291 6.62 -3.26 18.36
C ALA B 291 5.62 -2.35 19.02
N GLU B 292 5.65 -1.07 18.60
CA GLU B 292 4.68 -0.09 19.18
C GLU B 292 3.26 -0.61 18.89
N GLU B 293 3.05 -1.04 17.68
CA GLU B 293 1.70 -1.52 17.28
C GLU B 293 1.30 -2.75 18.05
N ALA B 294 2.25 -3.66 18.20
CA ALA B 294 1.96 -4.93 18.84
C ALA B 294 1.60 -4.68 20.28
N ALA B 295 2.32 -3.78 20.96
CA ALA B 295 2.12 -3.53 22.39
C ALA B 295 0.74 -2.85 22.61
N ARG B 296 0.40 -1.97 21.70
CA ARG B 296 -0.83 -1.22 21.76
C ARG B 296 -2.09 -2.07 21.42
N VAL B 297 -2.00 -2.91 20.40
CA VAL B 297 -3.20 -3.63 19.95
C VAL B 297 -3.45 -4.91 20.75
N LEU B 298 -2.36 -5.62 21.06
CA LEU B 298 -2.49 -6.93 21.76
C LEU B 298 -2.57 -6.74 23.26
N VAL B 299 -3.72 -6.24 23.70
CA VAL B 299 -3.87 -5.77 25.03
C VAL B 299 -4.24 -6.90 25.96
N ASP B 300 -4.56 -8.08 25.47
CA ASP B 300 -5.07 -9.16 26.36
C ASP B 300 -4.00 -10.23 26.45
N PRO B 301 -4.05 -11.06 27.48
CA PRO B 301 -2.97 -12.06 27.60
C PRO B 301 -2.85 -13.00 26.43
N VAL B 302 -3.94 -13.32 25.75
CA VAL B 302 -3.78 -13.91 24.43
C VAL B 302 -4.55 -13.10 23.38
N PRO B 303 -4.07 -13.09 22.17
CA PRO B 303 -4.72 -12.31 21.15
C PRO B 303 -6.00 -12.95 20.65
N SER B 304 -6.94 -12.08 20.34
CA SER B 304 -8.12 -12.46 19.58
C SER B 304 -7.91 -12.38 18.05
N TYR B 305 -8.81 -12.97 17.29
CA TYR B 305 -8.81 -12.87 15.87
C TYR B 305 -8.94 -11.38 15.43
N LYS B 306 -9.86 -10.64 16.08
CA LYS B 306 -10.06 -9.22 15.72
C LYS B 306 -8.78 -8.41 15.96
N GLN B 307 -8.08 -8.72 17.06
CA GLN B 307 -6.84 -8.00 17.36
C GLN B 307 -5.79 -8.23 16.32
N VAL B 308 -5.64 -9.48 15.86
CA VAL B 308 -4.71 -9.77 14.77
C VAL B 308 -4.96 -8.99 13.52
N LYS B 309 -6.22 -8.88 13.15
CA LYS B 309 -6.62 -8.07 11.99
C LYS B 309 -6.24 -6.58 12.14
N GLN B 310 -6.19 -6.08 13.35
CA GLN B 310 -5.73 -4.70 13.59
C GLN B 310 -4.24 -4.45 13.52
N LEU B 311 -3.41 -5.49 13.31
CA LEU B 311 -1.93 -5.37 13.25
C LEU B 311 -1.53 -5.03 11.82
N LYS B 312 -1.89 -3.80 11.42
CA LYS B 312 -1.73 -3.32 10.08
C LYS B 312 -0.27 -3.20 9.69
N TYR B 313 0.50 -2.52 10.53
CA TYR B 313 1.91 -2.36 10.26
C TYR B 313 2.68 -3.69 10.27
N VAL B 314 2.33 -4.60 11.20
CA VAL B 314 2.95 -5.96 11.17
C VAL B 314 2.67 -6.58 9.83
N GLY B 315 1.46 -6.41 9.32
CA GLY B 315 1.08 -6.90 8.01
C GLY B 315 1.92 -6.34 6.88
N MET B 316 2.25 -5.05 6.98
CA MET B 316 3.08 -4.40 5.98
C MET B 316 4.53 -4.88 6.05
N VAL B 317 5.00 -5.16 7.27
CA VAL B 317 6.32 -5.72 7.48
C VAL B 317 6.39 -7.07 6.72
N LEU B 318 5.35 -7.89 6.91
CA LEU B 318 5.35 -9.21 6.29
C LEU B 318 5.34 -9.10 4.76
N ASN B 319 4.47 -8.24 4.20
CA ASN B 319 4.47 -8.05 2.75
C ASN B 319 5.81 -7.54 2.23
N GLU B 320 6.45 -6.63 2.95
CA GLU B 320 7.78 -6.12 2.53
C GLU B 320 8.88 -7.22 2.56
N ALA B 321 8.77 -8.13 3.55
CA ALA B 321 9.63 -9.28 3.61
C ALA B 321 9.38 -10.20 2.39
N LEU B 322 8.10 -10.43 2.05
CA LEU B 322 7.68 -11.16 0.83
C LEU B 322 8.04 -10.45 -0.46
N ARG B 323 8.14 -9.12 -0.41
CA ARG B 323 8.62 -8.37 -1.57
C ARG B 323 10.07 -8.76 -1.83
N LEU B 324 10.90 -8.58 -0.83
CA LEU B 324 12.32 -8.80 -1.02
C LEU B 324 12.64 -10.27 -1.25
N TRP B 325 12.07 -11.18 -0.44
CA TRP B 325 12.45 -12.62 -0.48
C TRP B 325 11.23 -13.49 -0.47
N PRO B 326 10.46 -13.48 -1.54
CA PRO B 326 9.25 -14.30 -1.63
C PRO B 326 9.69 -15.79 -1.45
N THR B 327 9.13 -16.55 -0.50
CA THR B 327 9.76 -17.79 -0.09
C THR B 327 9.48 -19.01 -0.98
N ALA B 328 8.49 -18.92 -1.89
CA ALA B 328 8.32 -19.84 -3.01
C ALA B 328 8.64 -18.99 -4.30
N PRO B 329 9.94 -18.86 -4.66
CA PRO B 329 10.38 -17.68 -5.46
C PRO B 329 10.18 -17.80 -6.98
N ALA B 330 9.50 -18.82 -7.43
CA ALA B 330 9.17 -18.85 -8.90
C ALA B 330 7.90 -19.65 -9.11
N PHE B 331 7.19 -19.30 -10.17
CA PHE B 331 6.06 -20.08 -10.69
C PHE B 331 6.14 -20.04 -12.21
N SER B 332 5.43 -20.95 -12.84
CA SER B 332 5.64 -21.21 -14.26
C SER B 332 4.33 -21.20 -14.99
N LEU B 333 4.39 -20.80 -16.27
CA LEU B 333 3.20 -20.75 -17.13
C LEU B 333 3.59 -21.33 -18.51
N TYR B 334 2.57 -21.70 -19.26
CA TYR B 334 2.73 -22.04 -20.67
C TYR B 334 1.68 -21.30 -21.58
N ALA B 335 2.13 -21.05 -22.80
CA ALA B 335 1.30 -20.43 -23.83
C ALA B 335 0.19 -21.38 -24.23
N LYS B 336 -1.03 -20.99 -24.00
CA LYS B 336 -2.14 -21.86 -24.40
C LYS B 336 -2.19 -21.98 -25.94
N GLU B 337 -1.93 -20.85 -26.60
CA GLU B 337 -1.88 -20.76 -28.07
C GLU B 337 -0.68 -19.91 -28.48
N ASP B 338 -0.30 -20.03 -29.76
CA ASP B 338 0.69 -19.15 -30.35
C ASP B 338 0.32 -17.73 -29.91
N THR B 339 1.32 -16.95 -29.54
CA THR B 339 1.02 -15.56 -29.10
C THR B 339 2.29 -14.78 -29.10
N VAL B 340 2.14 -13.47 -29.04
CA VAL B 340 3.28 -12.59 -29.02
C VAL B 340 3.29 -11.93 -27.68
N LEU B 341 4.45 -12.02 -27.03
CA LEU B 341 4.64 -11.49 -25.67
C LEU B 341 5.27 -10.10 -25.70
N GLY B 342 4.60 -9.13 -25.10
CA GLY B 342 5.17 -7.80 -25.02
C GLY B 342 5.40 -7.14 -26.38
N GLY B 343 4.63 -7.56 -27.39
CA GLY B 343 4.73 -7.06 -28.76
C GLY B 343 6.01 -7.47 -29.50
N GLU B 344 6.86 -8.29 -28.87
CA GLU B 344 8.26 -8.42 -29.30
C GLU B 344 8.82 -9.83 -29.42
N TYR B 345 8.33 -10.75 -28.58
CA TYR B 345 8.87 -12.08 -28.49
C TYR B 345 7.74 -13.03 -28.86
N PRO B 346 7.83 -13.63 -30.07
CA PRO B 346 6.75 -14.52 -30.48
C PRO B 346 6.88 -15.87 -29.78
N LEU B 347 5.76 -16.38 -29.29
CA LEU B 347 5.72 -17.67 -28.61
C LEU B 347 4.76 -18.61 -29.32
N GLU B 348 5.17 -19.87 -29.42
CA GLU B 348 4.33 -20.95 -29.92
C GLU B 348 3.63 -21.70 -28.79
N LYS B 349 2.42 -22.20 -29.09
CA LYS B 349 1.61 -23.00 -28.17
C LYS B 349 2.49 -24.01 -27.40
N GLY B 350 2.36 -24.07 -26.09
CA GLY B 350 3.18 -25.02 -25.27
C GLY B 350 4.47 -24.44 -24.69
N ASP B 351 4.89 -23.27 -25.19
CA ASP B 351 6.16 -22.66 -24.79
C ASP B 351 6.13 -22.25 -23.29
N GLU B 352 7.24 -22.46 -22.58
CA GLU B 352 7.29 -22.30 -21.14
C GLU B 352 7.85 -20.96 -20.74
N LEU B 353 7.27 -20.42 -19.67
CA LEU B 353 7.69 -19.17 -19.05
C LEU B 353 7.88 -19.43 -17.54
N MET B 354 8.90 -18.80 -16.95
CA MET B 354 9.21 -18.84 -15.49
C MET B 354 9.13 -17.40 -14.96
N VAL B 355 8.30 -17.15 -13.92
CA VAL B 355 8.21 -15.84 -13.27
C VAL B 355 9.27 -15.82 -12.19
N LEU B 356 10.27 -14.96 -12.31
CA LEU B 356 11.30 -14.81 -11.26
C LEU B 356 10.85 -13.74 -10.26
N ILE B 357 10.15 -14.22 -9.23
CA ILE B 357 9.38 -13.32 -8.39
C ILE B 357 10.29 -12.30 -7.65
N PRO B 358 11.45 -12.71 -7.10
CA PRO B 358 12.29 -11.70 -6.39
C PRO B 358 12.79 -10.57 -7.34
N GLN B 359 12.90 -10.91 -8.62
CA GLN B 359 13.32 -9.93 -9.60
C GLN B 359 12.19 -9.04 -10.05
N LEU B 360 10.97 -9.57 -10.21
CA LEU B 360 9.82 -8.71 -10.39
C LEU B 360 9.66 -7.66 -9.28
N HIS B 361 9.85 -8.16 -8.06
CA HIS B 361 9.67 -7.33 -6.88
C HIS B 361 10.78 -6.26 -6.74
N ARG B 362 11.78 -6.31 -7.62
CA ARG B 362 12.83 -5.29 -7.68
C ARG B 362 12.78 -4.47 -8.96
N ASP B 363 11.64 -4.47 -9.66
CA ASP B 363 11.45 -3.64 -10.86
C ASP B 363 11.40 -2.16 -10.50
N LYS B 364 12.50 -1.44 -10.78
CA LYS B 364 12.64 -0.04 -10.37
C LYS B 364 11.64 0.84 -11.04
N THR B 365 11.10 0.43 -12.19
CA THR B 365 10.11 1.25 -12.91
C THR B 365 8.78 1.19 -12.14
N ILE B 366 8.59 0.18 -11.28
CA ILE B 366 7.38 0.04 -10.40
C ILE B 366 7.58 0.61 -8.98
N TRP B 367 8.68 0.24 -8.32
CA TRP B 367 8.86 0.52 -6.88
C TRP B 367 9.74 1.73 -6.57
N GLY B 368 10.49 2.20 -7.58
CA GLY B 368 11.40 3.36 -7.39
C GLY B 368 12.78 2.79 -7.32
N ASP B 369 13.79 3.66 -7.25
CA ASP B 369 15.14 3.21 -7.40
C ASP B 369 15.67 2.40 -6.19
N ASP B 370 15.11 2.65 -5.00
CA ASP B 370 15.62 2.15 -3.72
C ASP B 370 15.08 0.73 -3.39
N VAL B 371 15.14 -0.19 -4.35
CA VAL B 371 14.37 -1.45 -4.23
C VAL B 371 14.91 -2.40 -3.18
N GLU B 372 16.21 -2.28 -2.89
CA GLU B 372 16.85 -3.01 -1.85
C GLU B 372 16.57 -2.57 -0.41
N GLU B 373 16.00 -1.38 -0.21
CA GLU B 373 15.63 -0.96 1.10
C GLU B 373 14.35 -1.69 1.64
N PHE B 374 14.41 -2.00 2.92
CA PHE B 374 13.28 -2.57 3.66
C PHE B 374 12.45 -1.44 4.25
N ARG B 375 11.34 -1.22 3.57
CA ARG B 375 10.46 -0.13 3.86
C ARG B 375 8.96 -0.52 3.82
N PRO B 376 8.40 -0.97 4.93
CA PRO B 376 7.03 -1.48 4.94
C PRO B 376 5.99 -0.40 4.50
N GLU B 377 6.42 0.85 4.65
CA GLU B 377 5.62 2.04 4.30
C GLU B 377 5.25 2.05 2.83
N ARG B 378 5.93 1.29 1.99
CA ARG B 378 5.50 1.08 0.60
C ARG B 378 4.12 0.50 0.49
N PHE B 379 3.72 -0.20 1.53
CA PHE B 379 2.44 -0.91 1.53
C PHE B 379 1.34 -0.14 2.28
N GLU B 380 1.63 1.09 2.69
CA GLU B 380 0.67 1.87 3.46
C GLU B 380 -0.68 1.99 2.79
N ASN B 381 -0.66 2.32 1.53
CA ASN B 381 -1.89 2.43 0.69
C ASN B 381 -1.91 1.33 -0.42
N PRO B 382 -2.65 0.21 -0.18
CA PRO B 382 -2.60 -0.90 -1.15
C PRO B 382 -3.07 -0.50 -2.56
N SER B 383 -3.91 0.52 -2.65
CA SER B 383 -4.34 1.08 -3.96
C SER B 383 -3.20 1.53 -4.88
N ALA B 384 -2.09 1.99 -4.32
CA ALA B 384 -0.99 2.55 -5.12
C ALA B 384 0.05 1.54 -5.69
N ILE B 385 -0.16 0.23 -5.52
CA ILE B 385 0.69 -0.81 -6.15
C ILE B 385 -0.05 -1.29 -7.40
N PRO B 386 0.58 -1.17 -8.58
CA PRO B 386 -0.03 -1.68 -9.81
C PRO B 386 -0.36 -3.17 -9.76
N GLN B 387 -1.39 -3.58 -10.51
CA GLN B 387 -1.70 -4.99 -10.66
C GLN B 387 -0.54 -5.75 -11.22
N HIS B 388 -0.42 -6.98 -10.73
CA HIS B 388 0.66 -7.91 -11.07
C HIS B 388 2.08 -7.44 -10.74
N ALA B 389 2.20 -6.41 -9.90
CA ALA B 389 3.54 -5.98 -9.45
C ALA B 389 4.10 -6.85 -8.27
N PHE B 390 3.17 -7.38 -7.50
CA PHE B 390 3.49 -8.03 -6.19
C PHE B 390 2.82 -9.37 -6.25
N LYS B 391 3.61 -10.43 -6.42
CA LYS B 391 3.04 -11.77 -6.65
C LYS B 391 3.67 -12.93 -5.83
N PRO B 392 3.83 -12.74 -4.51
CA PRO B 392 4.39 -13.80 -3.66
C PRO B 392 3.53 -15.05 -3.46
N PHE B 393 2.23 -14.97 -3.82
CA PHE B 393 1.31 -16.06 -3.74
C PHE B 393 0.75 -16.56 -5.09
N GLY B 394 1.46 -16.28 -6.17
CA GLY B 394 1.16 -16.78 -7.46
C GLY B 394 0.05 -15.98 -8.12
N ASN B 395 -0.76 -16.61 -8.95
CA ASN B 395 -1.70 -15.86 -9.85
C ASN B 395 -2.97 -16.66 -10.15
N GLY B 396 -4.07 -15.98 -10.10
CA GLY B 396 -5.28 -16.42 -10.77
C GLY B 396 -5.90 -17.60 -10.07
N GLN B 397 -6.50 -18.51 -10.85
CA GLN B 397 -7.22 -19.61 -10.22
C GLN B 397 -6.20 -20.60 -9.52
N ARG B 398 -4.94 -20.57 -9.92
CA ARG B 398 -3.88 -21.37 -9.29
C ARG B 398 -3.05 -20.61 -8.21
N ALA B 399 -3.64 -19.54 -7.68
CA ALA B 399 -3.00 -18.78 -6.63
C ALA B 399 -3.04 -19.62 -5.38
N CYS B 400 -2.17 -19.24 -4.46
CA CYS B 400 -2.11 -19.85 -3.16
C CYS B 400 -3.44 -19.94 -2.45
N ILE B 401 -3.89 -21.17 -2.22
CA ILE B 401 -5.13 -21.40 -1.50
C ILE B 401 -4.98 -21.03 0.00
N GLY B 402 -3.75 -21.07 0.51
CA GLY B 402 -3.45 -20.88 1.94
C GLY B 402 -2.96 -19.48 2.34
N GLN B 403 -3.04 -18.55 1.43
CA GLN B 403 -2.53 -17.18 1.63
C GLN B 403 -3.03 -16.55 2.91
N GLN B 404 -4.35 -16.58 3.16
CA GLN B 404 -4.91 -15.94 4.35
C GLN B 404 -4.51 -16.71 5.63
N PHE B 405 -4.36 -18.03 5.52
CA PHE B 405 -3.94 -18.83 6.63
C PHE B 405 -2.50 -18.42 7.02
N ALA B 406 -1.62 -18.47 6.03
CA ALA B 406 -0.25 -18.06 6.23
C ALA B 406 -0.10 -16.69 6.90
N LEU B 407 -0.77 -15.68 6.34
CA LEU B 407 -0.68 -14.28 6.87
C LEU B 407 -1.30 -14.09 8.21
N HIS B 408 -2.41 -14.77 8.51
CA HIS B 408 -2.94 -14.73 9.82
C HIS B 408 -1.95 -15.30 10.88
N GLU B 409 -1.44 -16.50 10.60
CA GLU B 409 -0.45 -17.18 11.42
C GLU B 409 0.75 -16.32 11.66
N ALA B 410 1.29 -15.79 10.61
CA ALA B 410 2.56 -14.99 10.67
C ALA B 410 2.39 -13.65 11.37
N THR B 411 1.22 -13.01 11.17
CA THR B 411 0.86 -11.73 11.82
C THR B 411 0.64 -11.98 13.28
N LEU B 412 -0.11 -13.03 13.65
CA LEU B 412 -0.31 -13.40 15.06
C LEU B 412 0.99 -13.61 15.81
N VAL B 413 1.83 -14.43 15.22
CA VAL B 413 3.06 -14.87 15.90
C VAL B 413 4.06 -13.75 15.97
N LEU B 414 4.24 -13.03 14.86
CA LEU B 414 5.13 -11.88 14.90
C LEU B 414 4.68 -10.81 15.87
N GLY B 415 3.38 -10.56 15.90
CA GLY B 415 2.84 -9.65 16.90
C GLY B 415 3.15 -10.05 18.35
N MET B 416 2.96 -11.33 18.64
CA MET B 416 3.26 -11.86 19.96
C MET B 416 4.78 -11.78 20.29
N MET B 417 5.63 -12.03 19.29
CA MET B 417 7.09 -11.96 19.45
C MET B 417 7.47 -10.55 19.86
N LEU B 418 6.96 -9.58 19.08
CA LEU B 418 7.23 -8.15 19.32
C LEU B 418 6.64 -7.57 20.57
N LYS B 419 5.55 -8.15 21.02
CA LYS B 419 4.95 -7.77 22.27
C LYS B 419 5.81 -8.25 23.47
N HIS B 420 6.34 -9.47 23.37
CA HIS B 420 6.86 -10.15 24.56
C HIS B 420 8.33 -9.99 24.76
N PHE B 421 9.05 -9.65 23.70
CA PHE B 421 10.52 -9.57 23.76
C PHE B 421 11.09 -8.37 23.09
N ASP B 422 12.30 -7.99 23.56
CA ASP B 422 13.26 -7.24 22.74
C ASP B 422 14.32 -8.19 22.10
N PHE B 423 14.62 -7.98 20.85
CA PHE B 423 15.56 -8.82 20.06
C PHE B 423 16.89 -8.17 19.84
N GLU B 424 17.93 -8.99 19.91
CA GLU B 424 19.30 -8.53 19.65
C GLU B 424 19.90 -9.39 18.54
N ASP B 425 20.43 -8.75 17.50
CA ASP B 425 21.27 -9.39 16.53
C ASP B 425 22.66 -9.49 17.14
N HIS B 426 22.88 -10.47 18.02
CA HIS B 426 24.07 -10.48 18.88
C HIS B 426 25.31 -10.92 18.10
N THR B 427 25.13 -11.54 16.93
CA THR B 427 26.26 -11.95 16.11
C THR B 427 26.55 -11.06 14.91
N ASN B 428 25.77 -10.02 14.72
CA ASN B 428 25.79 -9.20 13.48
C ASN B 428 25.69 -10.10 12.31
N TYR B 429 24.61 -10.86 12.31
CA TYR B 429 24.38 -11.89 11.34
C TYR B 429 24.44 -11.42 9.87
N GLU B 430 25.25 -12.13 9.10
CA GLU B 430 25.35 -11.89 7.67
C GLU B 430 24.33 -12.78 6.89
N LEU B 431 23.49 -12.17 6.07
CA LEU B 431 22.39 -12.94 5.46
C LEU B 431 22.94 -14.03 4.57
N ASP B 432 22.47 -15.24 4.78
CA ASP B 432 22.87 -16.38 3.98
C ASP B 432 21.58 -17.15 3.67
N ILE B 433 21.20 -17.09 2.42
CA ILE B 433 19.90 -17.62 1.98
C ILE B 433 20.08 -19.01 1.38
N LYS B 434 19.62 -20.01 2.15
CA LYS B 434 19.62 -21.41 1.72
C LYS B 434 18.42 -21.67 0.80
N GLU B 435 18.68 -22.38 -0.29
CA GLU B 435 17.70 -22.72 -1.25
C GLU B 435 17.42 -24.23 -1.16
N THR B 436 16.14 -24.55 -1.04
CA THR B 436 15.59 -25.90 -1.10
C THR B 436 14.34 -25.88 -1.94
N LEU B 437 14.49 -25.28 -3.11
CA LEU B 437 13.41 -24.72 -3.92
C LEU B 437 12.82 -23.49 -3.22
N THR B 438 12.35 -23.69 -1.97
CA THR B 438 11.90 -22.58 -1.11
C THR B 438 13.15 -21.85 -0.55
N LEU B 439 12.95 -20.68 0.05
CA LEU B 439 14.06 -19.86 0.54
C LEU B 439 13.96 -19.66 2.07
N LYS B 440 15.11 -19.66 2.75
CA LYS B 440 15.18 -19.37 4.18
C LYS B 440 16.54 -18.81 4.53
N PRO B 441 16.64 -17.91 5.52
CA PRO B 441 17.97 -17.51 6.06
C PRO B 441 18.55 -18.76 6.74
N GLU B 442 19.81 -19.06 6.48
CA GLU B 442 20.47 -20.17 7.17
C GLU B 442 21.36 -19.59 8.25
N GLY B 443 21.29 -20.15 9.45
CA GLY B 443 22.20 -19.78 10.58
C GLY B 443 21.81 -18.48 11.26
N PHE B 444 20.61 -18.01 10.98
CA PHE B 444 20.13 -16.79 11.60
C PHE B 444 19.78 -17.04 13.05
N VAL B 445 20.39 -16.26 13.93
CA VAL B 445 20.29 -16.45 15.35
C VAL B 445 20.14 -15.04 15.98
N VAL B 446 19.44 -14.99 17.10
CA VAL B 446 19.16 -13.78 17.87
C VAL B 446 19.15 -14.14 19.32
N LYS B 447 19.20 -13.09 20.14
CA LYS B 447 18.88 -13.22 21.52
C LYS B 447 17.62 -12.44 21.76
N ALA B 448 16.75 -12.99 22.61
CA ALA B 448 15.47 -12.38 22.95
C ALA B 448 15.42 -12.11 24.45
N LYS B 449 15.27 -10.84 24.81
CA LYS B 449 15.18 -10.46 26.23
C LYS B 449 13.73 -10.22 26.56
N SER B 450 13.19 -11.00 27.51
CA SER B 450 11.82 -10.89 27.90
C SER B 450 11.40 -9.52 28.46
N LYS B 451 10.25 -9.03 27.99
CA LYS B 451 9.63 -7.85 28.56
C LYS B 451 8.84 -8.16 29.81
N LYS B 452 8.76 -9.44 30.18
CA LYS B 452 8.05 -9.97 31.37
C LYS B 452 6.58 -9.61 31.40
N ILE B 453 5.95 -9.81 30.25
CA ILE B 453 4.50 -9.57 30.12
C ILE B 453 3.81 -10.93 30.19
N PRO B 454 2.87 -11.10 31.14
CA PRO B 454 2.27 -12.41 31.30
C PRO B 454 1.36 -12.79 30.12
N LEU B 455 1.22 -14.10 29.98
CA LEU B 455 0.67 -14.75 28.83
C LEU B 455 -0.27 -15.90 29.31
CHA HEM C . -9.64 13.20 -0.63
CHB HEM C . -6.14 16.36 0.55
CHC HEM C . -4.91 16.88 -4.07
CHD HEM C . -8.79 14.30 -5.35
C1A HEM C . -8.77 14.01 0.10
C2A HEM C . -8.64 14.07 1.56
C3A HEM C . -7.69 14.94 1.88
C4A HEM C . -7.15 15.47 0.64
CMA HEM C . -7.35 15.35 3.31
CAA HEM C . -9.51 13.25 2.53
CBA HEM C . -10.85 13.97 2.84
CGA HEM C . -11.66 13.34 3.91
O1A HEM C . -12.81 13.87 4.12
O2A HEM C . -11.21 12.38 4.59
C1B HEM C . -5.52 16.83 -0.59
C2B HEM C . -4.35 17.67 -0.58
C3B HEM C . -4.02 17.82 -1.87
C4B HEM C . -4.93 16.96 -2.71
CMB HEM C . -3.62 18.32 0.66
CAB HEM C . -2.88 18.60 -2.55
CBB HEM C . -1.76 18.94 -1.92
C1C HEM C . -5.77 16.21 -4.87
C2C HEM C . -5.81 16.14 -6.29
C3C HEM C . -6.88 15.40 -6.63
C4C HEM C . -7.61 15.02 -5.42
CMC HEM C . -4.75 16.73 -7.21
CAC HEM C . -7.36 14.97 -8.03
CBC HEM C . -6.56 14.82 -9.05
C1D HEM C . -9.40 13.83 -4.20
C2D HEM C . -10.55 12.92 -4.18
C3D HEM C . -10.77 12.56 -2.74
C4D HEM C . -9.79 13.30 -1.99
CMD HEM C . -11.41 12.48 -5.38
CAD HEM C . -11.89 11.66 -2.23
CBD HEM C . -11.30 10.24 -2.35
CGD HEM C . -12.29 9.18 -1.85
O1D HEM C . -12.75 9.34 -0.70
O2D HEM C . -12.64 8.29 -2.66
NA HEM C . -7.79 14.78 -0.40
NB HEM C . -5.79 16.39 -1.85
NC HEM C . -6.90 15.54 -4.35
ND HEM C . -8.96 13.95 -2.90
FE HEM C . -7.23 15.02 -2.39
S 1C6 D . -11.15 21.04 4.29
CB 1C6 D . -12.16 19.66 3.91
CG 1C6 D . -11.88 19.06 2.53
CD1 1C6 D . -12.40 19.70 1.30
C3 1C6 D . -13.25 20.92 1.35
CE1 1C6 D . -12.06 19.05 0.04
O2 1C6 D . -12.35 19.64 -1.16
C2 1C6 D . -11.24 20.37 -1.74
CZ 1C6 D . -11.18 17.88 0.12
C1 1C6 D . -10.67 17.13 -1.12
CE2 1C6 D . -10.77 17.41 1.33
N1 1C6 D . -11.08 17.99 2.47
CF1 1C6 D . -11.97 21.61 5.67
NV 1C6 D . -12.91 20.95 6.40
CX2 1C6 D . -13.30 21.85 7.41
CS2 1C6 D . -12.49 23.07 7.19
NE1 1C6 D . -11.72 22.88 6.10
CE3 1C6 D . -14.19 21.78 8.50
CZ3 1C6 D . -14.36 22.93 9.28
O3 1C6 D . -15.27 22.90 10.33
C4 1C6 D . -15.15 23.77 11.47
CH2 1C6 D . -13.65 24.13 9.03
CZ2 1C6 D . -12.72 24.21 7.98
CHA HEM E . 0.22 -22.39 -4.18
CHB HEM E . 3.32 -19.31 -2.09
CHC HEM E . 1.60 -20.57 2.31
CHD HEM E . -1.05 -24.12 0.26
C1A HEM E . 1.19 -21.41 -4.00
C2A HEM E . 1.90 -20.70 -5.06
C3A HEM E . 2.75 -19.85 -4.50
C4A HEM E . 2.60 -19.98 -3.06
CMA HEM E . 3.74 -18.89 -5.20
CAA HEM E . 1.68 -20.87 -6.59
CBA HEM E . 2.53 -22.01 -7.11
CGA HEM E . 2.48 -22.14 -8.63
O1A HEM E . 3.21 -23.07 -9.13
O2A HEM E . 1.80 -21.33 -9.34
C1B HEM E . 3.16 -19.44 -0.74
C2B HEM E . 3.85 -18.59 0.26
C3B HEM E . 3.34 -18.92 1.50
C4B HEM E . 2.32 -19.97 1.33
CMB HEM E . 4.91 -17.52 -0.13
CAB HEM E . 3.67 -18.41 2.89
CBB HEM E . 4.08 -17.13 3.06
C1C HEM E . 0.69 -21.60 2.13
C2C HEM E . -0.04 -22.23 3.20
C3C HEM E . -0.78 -23.24 2.61
C4C HEM E . -0.49 -23.24 1.19
CMC HEM E . -0.02 -21.88 4.71
CAC HEM E . -1.70 -24.25 3.28
CBC HEM E . -2.38 -24.03 4.39
C1D HEM E . -0.92 -23.98 -1.10
C2D HEM E . -1.66 -24.84 -2.06
C3D HEM E . -1.32 -24.33 -3.41
C4D HEM E . -0.39 -23.19 -3.21
CMD HEM E . -2.58 -26.04 -1.69
CAD HEM E . -1.86 -24.93 -4.74
CBD HEM E . -3.16 -24.18 -4.96
CGD HEM E . -3.76 -24.60 -6.33
O1D HEM E . -3.04 -24.50 -7.35
O2D HEM E . -4.90 -25.09 -6.24
NA HEM E . 1.62 -20.93 -2.78
NB HEM E . 2.24 -20.20 -0.01
NC HEM E . 0.37 -22.21 0.90
ND HEM E . -0.24 -23.03 -1.85
FE HEM E . 0.86 -21.48 -0.93
S 1C6 F . 9.30 -22.77 -5.48
CB 1C6 F . 8.05 -23.64 -6.23
CG 1C6 F . 6.91 -23.92 -5.25
CD1 1C6 F . 6.98 -25.05 -4.27
C3 1C6 F . 8.21 -25.96 -4.26
CE1 1C6 F . 5.80 -25.21 -3.36
O2 1C6 F . 5.75 -26.10 -2.32
C2 1C6 F . 6.08 -25.49 -1.04
CZ 1C6 F . 4.71 -24.20 -3.47
C1 1C6 F . 3.48 -24.21 -2.60
CE2 1C6 F . 4.81 -23.18 -4.42
N1 1C6 F . 5.85 -23.08 -5.27
CF1 1C6 F . 10.54 -22.92 -6.65
NV 1C6 F . 10.29 -23.22 -7.98
CX2 1C6 F . 11.53 -23.22 -8.58
CS2 1C6 F . 12.53 -22.88 -7.51
NE1 1C6 F . 11.85 -22.69 -6.34
CE3 1C6 F . 12.04 -23.44 -9.88
CZ3 1C6 F . 13.44 -23.36 -10.11
O3 1C6 F . 13.97 -23.55 -11.37
C4 1C6 F . 15.37 -23.34 -11.69
CH2 1C6 F . 14.35 -23.04 -9.10
CZ2 1C6 F . 13.89 -22.80 -7.83
#